data_1FYP
#
_entry.id   1FYP
#
_cell.length_a   1.000
_cell.length_b   1.000
_cell.length_c   1.000
_cell.angle_alpha   90.00
_cell.angle_beta   90.00
_cell.angle_gamma   90.00
#
_symmetry.space_group_name_H-M   'P 1'
#
loop_
_entity.id
_entity.type
_entity.pdbx_description
1 polymer 'FRAGMENT OF 18S RIBOSOMAL RNA'
2 non-polymer PAROMOMYCIN
#
_entity_poly.entity_id   1
_entity_poly.type   'polyribonucleotide'
_entity_poly.pdbx_seq_one_letter_code
;GGCGUCGCACCUUCGGGUGAAGUCGCC
;
_entity_poly.pdbx_strand_id   A
#
loop_
_chem_comp.id
_chem_comp.type
_chem_comp.name
_chem_comp.formula
A RNA linking ADENOSINE-5'-MONOPHOSPHATE 'C10 H14 N5 O7 P'
C RNA linking CYTIDINE-5'-MONOPHOSPHATE 'C9 H14 N3 O8 P'
G RNA linking GUANOSINE-5'-MONOPHOSPHATE 'C10 H14 N5 O8 P'
PAR non-polymer PAROMOMYCIN 'C23 H45 N5 O14'
U RNA linking URIDINE-5'-MONOPHOSPHATE 'C9 H13 N2 O9 P'
#
# COMPACT_ATOMS: atom_id res chain seq x y z
C11 PAR B . 1.73 1.15 -3.07
O11 PAR B . 0.83 0.18 -3.67
C21 PAR B . 1.15 2.60 -3.18
N21 PAR B . -0.23 2.67 -2.67
C31 PAR B . 1.20 3.12 -4.65
O31 PAR B . 0.82 4.50 -4.70
C41 PAR B . 2.62 2.99 -5.26
O41 PAR B . 2.58 3.38 -6.62
C51 PAR B . 3.12 1.51 -5.13
O51 PAR B . 3.04 1.09 -3.74
C61 PAR B . 4.59 1.29 -5.58
O61 PAR B . 5.44 2.28 -5.04
C12 PAR B . -0.84 -3.71 -3.02
N12 PAR B . -1.10 -5.12 -2.70
C22 PAR B . 0.34 -3.61 -4.00
C32 PAR B . 0.65 -2.14 -4.41
N32 PAR B . 1.84 -2.15 -5.29
C42 PAR B . 0.85 -1.19 -3.16
C52 PAR B . -0.25 -1.38 -2.08
O52 PAR B . 0.20 -0.73 -0.86
C62 PAR B . -0.55 -2.87 -1.75
O62 PAR B . -1.68 -2.93 -0.87
C13 PAR B . -0.79 -0.19 0.07
C23 PAR B . -0.28 -0.37 1.50
O23 PAR B . -0.82 -1.58 2.05
C33 PAR B . -0.86 0.86 2.19
O33 PAR B . -2.24 0.66 2.59
C43 PAR B . -0.77 1.92 1.09
O43 PAR B . -0.94 1.21 -0.15
C53 PAR B . 0.57 2.68 1.09
O53 PAR B . 0.62 3.62 0.03
C14 PAR B . -2.53 0.69 4.01
C24 PAR B . -2.49 -0.73 4.64
N24 PAR B . -3.24 -1.73 3.84
C34 PAR B . -2.98 -0.71 6.12
O34 PAR B . -1.96 -0.10 6.93
C44 PAR B . -4.31 0.08 6.34
O44 PAR B . -5.38 -0.69 5.81
C54 PAR B . -4.24 1.47 5.63
O54 PAR B . -3.85 1.29 4.24
C64 PAR B . -5.60 2.23 5.68
N64 PAR B . -5.51 3.49 6.44
H11 PAR B . 1.89 0.93 -2.00
H21 PAR B . 1.77 3.27 -2.55
HN21 PAR B . -0.77 1.87 -3.02
HN22 PAR B . -0.23 2.57 -1.65
H31 PAR B . 0.50 2.53 -5.27
HO31 PAR B . 1.39 4.96 -4.08
H41 PAR B . 3.32 3.65 -4.71
HO41 PAR B . 3.32 3.99 -6.75
H51 PAR B . 2.46 0.85 -5.73
H611 PAR B . 4.62 1.35 -6.69
H612 PAR B . 4.94 0.28 -5.31
HO61 PAR B . 5.31 3.06 -5.57
H12 PAR B . -1.75 -3.29 -3.51
H121 PAR B . -0.87 -5.30 -1.72
H122 PAR B . -2.10 -5.32 -2.80
H221 PAR B . 0.06 -4.17 -4.93
H222 PAR B . 1.24 -4.10 -3.59
H32 PAR B . -0.20 -1.75 -5.01
H321 PAR B . 1.81 -1.36 -5.93
H322 PAR B . 2.70 -2.03 -4.72
H42 PAR B . 1.84 -1.42 -2.72
H52 PAR B . -1.18 -0.89 -2.45
H62 PAR B . 0.32 -3.30 -1.22
HO62 PAR B . -2.40 -2.51 -1.34
H13 PAR B . -1.76 -0.70 -0.06
H23 PAR B . 0.83 -0.41 1.57
HO23 PAR B . -0.76 -2.24 1.35
H33 PAR B . -0.21 1.13 3.05
H43 PAR B . -1.60 2.65 1.20
H531 PAR B . 1.40 1.96 0.94
H532 PAR B . 0.75 3.19 2.05
HO53 PAR B . -0.03 4.30 0.26
H14 PAR B . -1.76 1.32 4.51
H24 PAR B . -1.42 -1.06 4.64
H241 PAR B . -3.08 -1.58 2.84
H242 PAR B . -2.90 -2.68 4.04
H34 PAR B . -3.10 -1.74 6.50
HO34 PAR B . -1.23 -0.72 6.94
H44 PAR B . -4.48 0.22 7.42
HO44 PAR B . -5.29 -1.57 6.21
H54 PAR B . -3.49 2.09 6.15
H641 PAR B . -6.38 1.59 6.14
H642 PAR B . -5.96 2.45 4.66
HN61 PAR B . -4.98 4.18 5.91
HN62 PAR B . -4.99 3.34 7.31
C11 PAR B . 2.23 0.03 -2.85
O11 PAR B . 1.07 -0.57 -3.45
C21 PAR B . 2.09 1.58 -2.72
N21 PAR B . 0.82 1.94 -2.05
C31 PAR B . 2.18 2.27 -4.11
O31 PAR B . 2.19 3.69 -3.95
C41 PAR B . 3.47 1.85 -4.88
O41 PAR B . 3.45 2.44 -6.17
C51 PAR B . 3.54 0.30 -4.97
O51 PAR B . 3.44 -0.28 -3.64
C61 PAR B . 4.85 -0.25 -5.58
O61 PAR B . 4.73 -1.63 -5.90
C12 PAR B . -1.02 -4.36 -3.49
N12 PAR B . -1.28 -5.82 -3.40
C22 PAR B . 0.09 -4.13 -4.54
C32 PAR B . 0.47 -2.62 -4.66
N32 PAR B . 1.57 -2.50 -5.66
C42 PAR B . 0.88 -2.01 -3.29
C52 PAR B . -0.21 -2.27 -2.20
O52 PAR B . 0.31 -1.85 -0.91
C62 PAR B . -0.60 -3.78 -2.11
O62 PAR B . -1.70 -3.91 -1.20
C13 PAR B . -0.60 -1.20 0.02
C23 PAR B . -0.04 -1.32 1.44
O23 PAR B . -0.49 -2.55 2.02
C33 PAR B . -0.69 -0.12 2.12
O33 PAR B . -2.04 -0.41 2.57
C43 PAR B . -0.73 0.93 0.98
O43 PAR B . -0.69 0.20 -0.26
C53 PAR B . 0.44 1.93 1.05
O53 PAR B . 1.66 1.31 0.64
C14 PAR B . -2.29 -0.33 4.00
C24 PAR B . -2.22 -1.73 4.67
N24 PAR B . -2.99 -2.76 3.94
C34 PAR B . -2.68 -1.64 6.17
O34 PAR B . -1.65 -1.02 6.92
C44 PAR B . -4.00 -0.84 6.38
O44 PAR B . -5.10 -1.64 5.91
C54 PAR B . -3.95 0.52 5.63
O54 PAR B . -3.61 0.29 4.23
C64 PAR B . -5.30 1.29 5.70
N64 PAR B . -5.64 1.95 4.43
H11 PAR B . 2.40 -0.38 -1.83
H21 PAR B . 2.92 1.94 -2.08
HN21 PAR B . 0.48 2.85 -2.39
HN22 PAR B . 0.09 1.27 -2.29
H31 PAR B . 1.30 1.99 -4.71
HO31 PAR B . 1.40 3.91 -3.46
H41 PAR B . 4.35 2.21 -4.32
HO41 PAR B . 3.61 3.37 -6.03
H51 PAR B . 2.68 -0.07 -5.58
H611 PAR B . 5.66 -0.12 -4.83
H612 PAR B . 5.15 0.33 -6.48
HO61 PAR B . 5.41 -2.07 -5.38
H12 PAR B . -1.94 -3.87 -3.83
H121 PAR B . -0.57 -6.33 -3.92
H122 PAR B . -1.21 -6.13 -2.43
H221 PAR B . -0.30 -4.46 -5.53
H222 PAR B . 0.99 -4.74 -4.33
H32 PAR B . -0.41 -2.07 -5.05
H321 PAR B . 1.58 -1.55 -6.04
H322 PAR B . 2.47 -2.64 -5.20
H42 PAR B . 1.82 -2.48 -2.96
H52 PAR B . -1.11 -1.68 -2.47
H62 PAR B . 0.26 -4.35 -1.71
HO62 PAR B . -1.31 -4.03 -0.33
H13 PAR B . -1.61 -1.66 -0.04
H23 PAR B . 1.06 -1.28 1.47
HO23 PAR B . -0.13 -2.56 2.92
H33 PAR B . -0.03 0.24 2.94
H43 PAR B . -1.68 1.49 1.02
H531 PAR B . 0.58 2.26 2.11
H532 PAR B . 0.25 2.82 0.44
HO53 PAR B . 1.44 0.79 -0.14
H14 PAR B . -1.50 0.32 4.45
H24 PAR B . -1.16 -2.05 4.67
H241 PAR B . -3.97 -2.46 3.83
H242 PAR B . -2.62 -2.86 2.98
H34 PAR B . -2.80 -2.66 6.58
HO34 PAR B . -1.49 -0.17 6.50
H44 PAR B . -4.15 -0.67 7.46
HO44 PAR B . -4.98 -1.70 4.96
H54 PAR B . -3.17 1.15 6.11
H641 PAR B . -5.26 2.06 6.50
H642 PAR B . -6.12 0.60 5.98
HN61 PAR B . -5.45 2.95 4.49
HN62 PAR B . -6.65 1.87 4.25
C11 PAR B . 4.46 0.87 -2.41
O11 PAR B . 3.48 0.26 -3.29
C21 PAR B . 4.29 2.43 -2.36
N21 PAR B . 2.90 2.82 -2.07
C31 PAR B . 4.78 3.08 -3.69
O31 PAR B . 4.78 4.50 -3.59
C41 PAR B . 6.22 2.62 -4.08
O41 PAR B . 6.56 3.16 -5.35
C51 PAR B . 6.29 1.07 -4.11
O51 PAR B . 5.82 0.54 -2.83
C61 PAR B . 7.71 0.49 -4.32
O61 PAR B . 8.70 1.30 -3.72
C12 PAR B . 0.63 -2.97 -3.31
N12 PAR B . -0.04 -4.27 -3.08
C22 PAR B . 2.01 -3.21 -3.95
C32 PAR B . 2.76 -1.89 -4.22
N32 PAR B . 4.06 -2.20 -4.84
C42 PAR B . 2.93 -1.03 -2.92
C52 PAR B . 1.57 -0.82 -2.17
O52 PAR B . 1.87 -0.28 -0.86
C62 PAR B . 0.76 -2.16 -1.99
O62 PAR B . -0.54 -1.84 -1.50
C13 PAR B . 0.82 0.41 -0.13
C23 PAR B . 0.71 -0.17 1.28
O23 PAR B . -0.26 -1.22 1.28
C33 PAR B . 0.24 1.03 2.09
O33 PAR B . -1.20 1.20 2.03
C43 PAR B . 0.93 2.21 1.38
O43 PAR B . 1.16 1.80 0.03
C53 PAR B . 2.27 2.61 2.06
O53 PAR B . 3.37 2.38 1.19
C14 PAR B . -1.98 0.50 3.04
C24 PAR B . -3.42 1.07 3.16
N24 PAR B . -3.43 2.55 3.29
C34 PAR B . -4.18 0.40 4.35
O34 PAR B . -4.54 -0.92 3.95
C44 PAR B . -3.36 0.31 5.68
O44 PAR B . -3.30 1.60 6.26
C54 PAR B . -1.92 -0.22 5.40
O54 PAR B . -1.30 0.57 4.33
C64 PAR B . -1.01 -0.17 6.65
N64 PAR B . -0.83 -1.49 7.28
H11 PAR B . 4.32 0.50 -1.38
H21 PAR B . 4.93 2.81 -1.54
HN21 PAR B . 2.49 3.30 -2.89
HN22 PAR B . 2.32 1.99 -1.93
H31 PAR B . 4.10 2.78 -4.51
HO31 PAR B . 3.89 4.74 -3.33
H41 PAR B . 6.92 3.00 -3.32
HO41 PAR B . 7.03 3.98 -5.16
H51 PAR B . 5.63 0.68 -4.91
H611 PAR B . 7.91 0.45 -5.42
H612 PAR B . 7.79 -0.55 -3.95
HO61 PAR B . 9.52 1.08 -4.15
H12 PAR B . 0.01 -2.39 -4.02
H121 PAR B . -0.52 -4.26 -2.18
H122 PAR B . -0.75 -4.43 -3.80
H221 PAR B . 1.86 -3.72 -4.92
H222 PAR B . 2.62 -3.89 -3.32
H32 PAR B . 2.16 -1.30 -4.96
H321 PAR B . 4.67 -1.37 -4.85
H322 PAR B . 4.56 -2.90 -4.27
H42 PAR B . 3.63 -1.57 -2.25
H52 PAR B . 0.96 -0.11 -2.76
H62 PAR B . 1.28 -2.78 -1.23
HO62 PAR B . -0.86 -1.12 -2.04
H13 PAR B . -0.15 0.33 -0.65
H23 PAR B . 1.67 -0.57 1.65
HO23 PAR B . 0.20 -2.00 0.96
H33 PAR B . 0.61 0.93 3.12
H43 PAR B . 0.26 3.10 1.38
H531 PAR B . 2.42 1.98 2.97
H532 PAR B . 2.25 3.66 2.39
HO53 PAR B . 3.26 3.01 0.47
H14 PAR B . -2.06 -0.56 2.73
H24 PAR B . -3.97 0.82 2.23
H241 PAR B . -2.67 2.96 2.74
H242 PAR B . -4.30 2.93 2.90
H34 PAR B . -5.13 0.93 4.54
HO34 PAR B . -5.39 -0.85 3.52
H44 PAR B . -3.87 -0.38 6.38
HO44 PAR B . -3.78 1.53 7.09
H54 PAR B . -1.98 -1.28 5.07
H641 PAR B . -1.42 0.53 7.40
H642 PAR B . -0.01 0.24 6.38
HN61 PAR B . -0.89 -2.23 6.56
HN62 PAR B . -1.60 -1.67 7.94
C11 PAR B . 2.62 1.00 -1.66
O11 PAR B . 1.67 0.28 -2.50
C21 PAR B . 2.22 2.51 -1.49
N21 PAR B . 0.81 2.64 -1.06
C31 PAR B . 2.46 3.30 -2.82
O31 PAR B . 2.25 4.69 -2.60
C41 PAR B . 3.90 3.09 -3.35
O41 PAR B . 4.02 3.75 -4.61
C51 PAR B . 4.20 1.58 -3.51
O51 PAR B . 3.97 0.92 -2.22
C61 PAR B . 5.65 1.25 -3.91
O61 PAR B . 5.79 1.21 -5.32
C12 PAR B . -0.33 -3.53 -2.71
N12 PAR B . -0.63 -4.98 -2.59
C22 PAR B . 0.97 -3.35 -3.52
C32 PAR B . 1.37 -1.86 -3.66
N32 PAR B . 2.63 -1.78 -4.42
C42 PAR B . 1.49 -1.14 -2.27
C52 PAR B . 0.23 -1.38 -1.38
O52 PAR B . 0.54 -0.92 -0.03
C62 PAR B . -0.20 -2.87 -1.30
O62 PAR B . -1.46 -2.96 -0.63
C13 PAR B . -0.55 -0.43 0.79
C23 PAR B . -0.27 -0.80 2.26
O23 PAR B . -0.88 -2.06 2.55
C33 PAR B . -0.96 0.34 3.00
O33 PAR B . -2.38 0.09 3.17
C43 PAR B . -0.73 1.54 2.06
O43 PAR B . -0.61 1.00 0.73
C53 PAR B . 0.53 2.36 2.43
O53 PAR B . 1.69 1.78 1.86
C14 PAR B . -2.96 0.47 4.44
C24 PAR B . -3.53 -0.76 5.20
N24 PAR B . -4.40 -1.61 4.34
C34 PAR B . -4.29 -0.31 6.49
O34 PAR B . -3.33 0.12 7.45
C44 PAR B . -5.29 0.86 6.25
O44 PAR B . -6.43 0.35 5.56
C54 PAR B . -4.62 2.01 5.43
O54 PAR B . -4.02 1.46 4.22
C64 PAR B . -5.62 3.13 5.02
N64 PAR B . -4.95 4.32 4.50
H11 PAR B . 2.65 0.55 -0.65
H21 PAR B . 2.85 2.94 -0.70
HN21 PAR B . 0.32 1.75 -1.20
HN22 PAR B . 0.76 2.83 -0.06
H31 PAR B . 1.74 2.96 -3.58
HO31 PAR B . 1.31 4.80 -2.47
H41 PAR B . 4.62 3.53 -2.64
HO41 PAR B . 4.96 3.75 -4.82
H51 PAR B . 3.52 1.14 -4.26
H611 PAR B . 5.91 0.23 -3.50
H612 PAR B . 6.38 1.95 -3.46
HO61 PAR B . 6.75 1.17 -5.49
H12 PAR B . -1.16 -3.05 -3.26
H121 PAR B . -1.62 -5.15 -2.80
H122 PAR B . -0.10 -5.49 -3.30
H221 PAR B . 0.80 -3.75 -4.54
H222 PAR B . 1.80 -3.94 -3.08
H32 PAR B . 0.58 -1.34 -4.25
H321 PAR B . 3.42 -1.95 -3.80
H322 PAR B . 2.66 -2.52 -5.13
H42 PAR B . 2.38 -1.57 -1.74
H52 PAR B . -0.60 -0.78 -1.81
H62 PAR B . 0.54 -3.42 -0.71
HO62 PAR B . -2.05 -2.36 -1.11
H13 PAR B . -1.52 -0.86 0.48
H23 PAR B . 0.81 -0.86 2.48
HO23 PAR B . -0.58 -2.67 1.88
H33 PAR B . -0.43 0.50 3.97
H43 PAR B . -1.61 2.21 2.10
H531 PAR B . 0.65 2.37 3.54
H532 PAR B . 0.44 3.41 2.10
HO53 PAR B . 1.50 1.67 0.93
H14 PAR B . -2.17 0.92 5.07
H24 PAR B . -2.67 -1.38 5.52
H241 PAR B . -3.91 -1.83 3.47
H242 PAR B . -4.56 -2.52 4.80
H34 PAR B . -4.82 -1.17 6.93
HO34 PAR B . -2.71 -0.61 7.55
H44 PAR B . -5.63 1.26 7.24
HO44 PAR B . -7.17 0.93 5.81
H54 PAR B . -3.83 2.47 6.06
H641 PAR B . -6.23 3.42 5.90
H642 PAR B . -6.34 2.75 4.28
HN61 PAR B . -4.49 4.10 3.60
HN62 PAR B . -4.19 4.62 5.13
C11 PAR B . 2.56 0.62 -1.93
O11 PAR B . 1.57 -0.14 -2.69
C21 PAR B . 2.23 2.15 -1.91
N21 PAR B . 0.83 2.39 -1.49
C31 PAR B . 2.49 2.79 -3.31
O31 PAR B . 2.34 4.20 -3.23
C41 PAR B . 3.92 2.47 -3.82
O41 PAR B . 4.06 3.01 -5.14
C51 PAR B . 4.16 0.94 -3.82
O51 PAR B . 3.90 0.41 -2.50
C61 PAR B . 5.61 0.52 -4.19
O61 PAR B . 5.76 0.35 -5.58
C12 PAR B . -0.47 -3.92 -2.68
N12 PAR B . -0.79 -5.36 -2.54
C22 PAR B . 0.78 -3.77 -3.59
C32 PAR B . 1.19 -2.29 -3.77
N32 PAR B . 2.41 -2.26 -4.60
C42 PAR B . 1.40 -1.55 -2.41
C52 PAR B . 0.20 -1.76 -1.42
O52 PAR B . 0.58 -1.28 -0.11
C62 PAR B . -0.23 -3.26 -1.30
O62 PAR B . -1.43 -3.33 -0.52
C13 PAR B . -0.44 -0.80 0.79
C23 PAR B . -0.05 -1.13 2.23
O23 PAR B . -0.60 -2.39 2.59
C33 PAR B . -0.72 0.01 3.01
O33 PAR B . -2.12 -0.28 3.28
C43 PAR B . -0.59 1.19 2.04
O43 PAR B . -0.53 0.63 0.71
C53 PAR B . 0.66 2.05 2.30
O53 PAR B . 0.79 3.07 1.33
C14 PAR B . -2.49 -0.40 4.67
C24 PAR B . -2.58 -1.89 5.11
N24 PAR B . -3.35 -2.72 4.16
C34 PAR B . -3.15 -2.01 6.56
O34 PAR B . -2.15 -1.59 7.48
C44 PAR B . -4.43 -1.17 6.81
O44 PAR B . -5.53 -1.81 6.13
C54 PAR B . -4.26 0.29 6.28
O54 PAR B . -3.79 0.25 4.90
C64 PAR B . -5.56 1.12 6.35
N64 PAR B . -5.39 2.36 7.13
H11 PAR B . 2.58 0.26 -0.88
H21 PAR B . 2.90 2.62 -1.17
HN21 PAR B . 0.18 2.06 -2.21
HN22 PAR B . 0.62 1.83 -0.66
H31 PAR B . 1.76 2.39 -4.03
HO31 PAR B . 2.98 4.50 -2.59
H41 PAR B . 4.65 2.96 -3.16
HO41 PAR B . 4.41 3.90 -5.02
H51 PAR B . 3.47 0.46 -4.55
H611 PAR B . 5.83 -0.45 -3.69
H612 PAR B . 6.35 1.24 -3.80
HO61 PAR B . 5.60 1.22 -5.97
H12 PAR B . -1.32 -3.42 -3.17
H121 PAR B . -0.51 -5.70 -1.62
H122 PAR B . -1.81 -5.50 -2.58
H221 PAR B . 0.53 -4.19 -4.58
H222 PAR B . 1.63 -4.37 -3.18
H32 PAR B . 0.39 -1.78 -4.32
H321 PAR B . 2.74 -1.29 -4.70
H322 PAR B . 3.17 -2.76 -4.13
H42 PAR B . 2.32 -1.96 -1.93
H52 PAR B . -0.66 -1.18 -1.82
H62 PAR B . 0.57 -3.80 -0.75
HO62 PAR B . -1.15 -3.60 0.36
H13 PAR B . -1.43 -1.25 0.55
H23 PAR B . 1.04 -1.15 2.38
HO23 PAR B . -0.48 -2.97 1.83
H33 PAR B . -0.13 0.20 3.93
H43 PAR B . -1.49 1.84 2.11
H531 PAR B . 1.57 1.41 2.24
H532 PAR B . 0.64 2.50 3.31
HO53 PAR B . 0.32 3.83 1.68
H14 PAR B . -1.72 0.10 5.29
H24 PAR B . -1.54 -2.28 5.14
H241 PAR B . -3.08 -3.72 4.25
H242 PAR B . -4.34 -2.68 4.37
H34 PAR B . -3.36 -3.08 6.80
HO34 PAR B . -1.38 -2.15 7.33
H44 PAR B . -4.66 -1.15 7.89
HO44 PAR B . -6.25 -1.82 6.77
H54 PAR B . -3.49 0.79 6.91
H641 PAR B . -6.37 0.52 6.81
H642 PAR B . -5.92 1.37 5.34
HN61 PAR B . -4.79 3.02 6.62
HN62 PAR B . -4.90 2.16 8.01
C11 PAR B . 1.88 1.01 -3.01
O11 PAR B . 0.75 0.20 -3.45
C21 PAR B . 1.50 2.53 -2.96
N21 PAR B . 0.25 2.75 -2.19
C31 PAR B . 1.37 3.12 -4.40
O31 PAR B . 1.19 4.53 -4.34
C41 PAR B . 2.61 2.81 -5.27
O41 PAR B . 2.38 3.28 -6.59
C51 PAR B . 2.91 1.28 -5.27
O51 PAR B . 3.02 0.82 -3.90
C61 PAR B . 4.21 0.88 -6.00
O61 PAR B . 4.07 -0.38 -6.63
C12 PAR B . -1.07 -3.65 -2.82
N12 PAR B . -1.29 -5.08 -2.53
C22 PAR B . -0.03 -3.52 -3.96
C32 PAR B . 0.29 -2.04 -4.32
N32 PAR B . 1.35 -2.04 -5.34
C42 PAR B . 0.72 -1.21 -3.06
C52 PAR B . -0.27 -1.38 -1.86
O52 PAR B . 0.33 -0.79 -0.68
C62 PAR B . -0.59 -2.87 -1.56
O62 PAR B . -1.61 -2.94 -0.56
C13 PAR B . -0.53 -0.21 0.33
C23 PAR B . -0.02 -0.58 1.71
O23 PAR B . -0.59 -1.83 2.11
C33 PAR B . -0.55 0.58 2.56
O33 PAR B . -1.94 0.37 2.95
C43 PAR B . -0.43 1.77 1.60
O43 PAR B . -0.49 1.23 0.26
C53 PAR B . 0.87 2.57 1.78
O53 PAR B . 1.88 2.14 0.88
C14 PAR B . -2.17 -0.19 4.27
C24 PAR B . -2.89 -1.57 4.18
N24 PAR B . -4.07 -1.53 3.29
C34 PAR B . -3.25 -2.09 5.60
O34 PAR B . -2.05 -2.51 6.26
C44 PAR B . -3.96 -1.03 6.49
O44 PAR B . -5.31 -0.87 6.03
C54 PAR B . -3.21 0.33 6.46
O54 PAR B . -2.98 0.74 5.06
C64 PAR B . -3.99 1.47 7.17
N64 PAR B . -4.30 1.12 8.59
H11 PAR B . 2.18 0.71 -1.99
H21 PAR B . 2.31 3.07 -2.44
HN21 PAR B . -0.44 2.02 -2.42
HN22 PAR B . 0.44 2.65 -1.19
H31 PAR B . 0.47 2.67 -4.89
HO31 PAR B . 0.93 4.80 -5.22
H41 PAR B . 3.49 3.35 -4.84
HO41 PAR B . 2.41 4.24 -6.54
H51 PAR B . 2.05 0.76 -5.75
H611 PAR B . 5.01 0.80 -5.23
H612 PAR B . 4.53 1.65 -6.71
HO61 PAR B . 4.87 -0.50 -7.15
H12 PAR B . -2.03 -3.22 -3.17
H121 PAR B . -0.91 -5.31 -1.61
H122 PAR B . -2.30 -5.28 -2.47
H221 PAR B . -0.47 -4.00 -4.87
H222 PAR B . 0.90 -4.08 -3.71
H32 PAR B . -0.62 -1.59 -4.76
H321 PAR B . 2.26 -2.24 -4.93
H322 PAR B . 1.19 -2.80 -6.02
H42 PAR B . 1.72 -1.54 -2.74
H52 PAR B . -1.22 -0.86 -2.13
H62 PAR B . 0.32 -3.35 -1.15
HO62 PAR B . -2.32 -2.38 -0.88
H13 PAR B . -1.58 -0.56 0.20
H23 PAR B . 1.08 -0.66 1.75
HO23 PAR B . -0.47 -2.43 1.38
H33 PAR B . 0.12 0.72 3.42
H43 PAR B . -1.29 2.45 1.73
H531 PAR B . 1.25 2.41 2.82
H532 PAR B . 0.70 3.66 1.67
HO53 PAR B . 2.16 1.28 1.19
H14 PAR B . -1.18 -0.34 4.77
H24 PAR B . -2.16 -2.29 3.74
H241 PAR B . -4.77 -0.88 3.67
H242 PAR B . -3.82 -1.17 2.36
H34 PAR B . -3.89 -2.99 5.52
HO34 PAR B . -1.49 -1.73 6.28
H44 PAR B . -4.00 -1.40 7.54
HO44 PAR B . -5.25 -0.42 5.19
H54 PAR B . -2.24 0.21 6.96
H641 PAR B . -4.93 1.68 6.65
H642 PAR B . -3.40 2.41 7.15
HN61 PAR B . -3.50 0.64 9.01
HN62 PAR B . -5.08 0.48 8.62
C11 PAR B . 1.47 0.12 -3.15
O11 PAR B . 0.32 -0.60 -3.67
C21 PAR B . 1.19 1.66 -3.05
N21 PAR B . -0.08 1.94 -2.36
C31 PAR B . 1.20 2.32 -4.47
O31 PAR B . 1.12 3.73 -4.36
C41 PAR B . 2.48 1.96 -5.27
O41 PAR B . 2.38 2.51 -6.57
C51 PAR B . 2.66 0.42 -5.33
O51 PAR B . 2.65 -0.12 -3.98
C61 PAR B . 3.98 -0.05 -5.99
O61 PAR B . 3.73 -0.83 -7.15
C12 PAR B . -1.63 -4.43 -3.12
N12 PAR B . -1.84 -5.86 -2.84
C22 PAR B . -0.59 -4.27 -4.25
C32 PAR B . -0.30 -2.80 -4.58
N32 PAR B . 0.71 -2.74 -5.67
C42 PAR B . 0.19 -2.02 -3.32
C52 PAR B . -0.80 -2.17 -2.12
O52 PAR B . -0.19 -1.62 -0.93
C62 PAR B . -1.16 -3.67 -1.84
O62 PAR B . -2.20 -3.70 -0.86
C13 PAR B . -1.05 -1.04 0.10
C23 PAR B . -0.40 -1.25 1.46
O23 PAR B . -0.86 -2.49 2.02
C33 PAR B . -0.94 -0.05 2.24
O33 PAR B . -2.28 -0.30 2.78
C43 PAR B . -0.99 1.05 1.17
O43 PAR B . -1.15 0.38 -0.10
C53 PAR B . 0.27 1.93 1.16
O53 PAR B . 1.36 1.26 0.56
C14 PAR B . -2.37 -0.72 4.17
C24 PAR B . -2.88 -2.18 4.29
N24 PAR B . -4.09 -2.43 3.47
C34 PAR B . -3.11 -2.56 5.78
O34 PAR B . -1.85 -2.72 6.41
C44 PAR B . -3.94 -1.51 6.58
O44 PAR B . -5.30 -1.59 6.18
C54 PAR B . -3.39 -0.07 6.34
O54 PAR B . -3.26 0.18 4.90
C64 PAR B . -4.30 1.03 6.96
N64 PAR B . -3.86 1.41 8.32
H11 PAR B . 1.70 -0.23 -2.12
H21 PAR B . 2.00 2.11 -2.47
HN21 PAR B . -0.53 2.76 -2.77
HN22 PAR B . -0.74 1.17 -2.51
H31 PAR B . 0.32 1.96 -5.04
HO31 PAR B . 1.84 3.99 -3.79
H41 PAR B . 3.35 2.41 -4.75
HO41 PAR B . 2.30 3.47 -6.46
H51 PAR B . 1.81 -0.02 -5.90
H611 PAR B . 4.52 -0.69 -5.25
H612 PAR B . 4.64 0.80 -6.23
HO61 PAR B . 3.17 -0.29 -7.72
H12 PAR B . -2.59 -4.01 -3.45
H121 PAR B . -1.14 -6.42 -3.33
H122 PAR B . -1.70 -6.06 -1.85
H221 PAR B . -1.02 -4.74 -5.17
H222 PAR B . 0.34 -4.83 -4.02
H32 PAR B . -1.22 -2.32 -4.95
H321 PAR B . 1.60 -2.40 -5.30
H322 PAR B . 0.89 -3.69 -6.02
H42 PAR B . 1.17 -2.42 -3.01
H52 PAR B . -1.73 -1.62 -2.38
H62 PAR B . -0.27 -4.17 -1.42
HO62 PAR B . -3.01 -3.44 -1.32
H13 PAR B . -2.05 -1.50 0.07
H23 PAR B . 0.71 -1.26 1.42
HO23 PAR B . -1.80 -2.51 1.85
H33 PAR B . -0.21 0.22 3.03
H43 PAR B . -1.88 1.69 1.34
H531 PAR B . 0.55 2.19 2.20
H532 PAR B . 0.09 2.89 0.62
HO53 PAR B . 1.09 1.06 -0.34
H14 PAR B . -1.35 -0.67 4.62
H24 PAR B . -2.07 -2.84 3.90
H241 PAR B . -4.02 -3.35 3.02
H242 PAR B . -4.92 -2.47 4.06
H34 PAR B . -3.62 -3.54 5.85
HO34 PAR B . -1.39 -3.40 5.92
H44 PAR B . -3.88 -1.74 7.67
HO44 PAR B . -5.31 -1.38 5.24
H54 PAR B . -2.39 0.01 6.80
H641 PAR B . -5.33 0.67 7.01
H642 PAR B . -4.30 1.93 6.32
HN61 PAR B . -4.55 2.05 8.74
HN62 PAR B . -2.99 1.96 8.27
C11 PAR B . 1.72 0.30 -3.14
O11 PAR B . 0.76 -0.54 -3.82
C21 PAR B . 1.24 1.80 -3.08
N21 PAR B . -0.13 1.90 -2.56
C31 PAR B . 1.35 2.47 -4.48
O31 PAR B . 1.05 3.86 -4.39
C41 PAR B . 2.76 2.30 -5.10
O41 PAR B . 2.77 2.86 -6.40
C51 PAR B . 3.15 0.80 -5.13
O51 PAR B . 3.03 0.23 -3.80
C61 PAR B . 4.60 0.52 -5.59
O61 PAR B . 4.63 -0.22 -6.80
C12 PAR B . -1.26 -4.30 -3.45
N12 PAR B . -1.64 -5.72 -3.23
C22 PAR B . -0.05 -4.24 -4.41
C32 PAR B . 0.38 -2.78 -4.72
N32 PAR B . 1.57 -2.84 -5.59
C42 PAR B . 0.64 -1.94 -3.43
C52 PAR B . -0.49 -2.10 -2.35
O52 PAR B . 0.00 -1.56 -1.10
C62 PAR B . -0.92 -3.58 -2.13
O62 PAR B . -2.06 -3.61 -1.27
C13 PAR B . -0.94 -0.93 -0.18
C23 PAR B . -0.56 -1.29 1.25
O23 PAR B . -1.31 -2.41 1.68
C33 PAR B . -0.95 -0.02 2.02
O33 PAR B . -2.34 -0.07 2.45
C43 PAR B . -0.74 1.09 1.00
O43 PAR B . -0.86 0.49 -0.31
C53 PAR B . 0.63 1.79 1.15
O53 PAR B . 1.49 1.45 0.08
C14 PAR B . -2.58 -0.19 3.88
C24 PAR B . -2.88 -1.66 4.28
N24 PAR B . -3.90 -2.30 3.41
C34 PAR B . -3.29 -1.75 5.78
O34 PAR B . -2.12 -1.55 6.57
C44 PAR B . -4.36 -0.71 6.21
O44 PAR B . -5.62 -1.12 5.68
C54 PAR B . -3.99 0.71 5.70
O54 PAR B . -3.71 0.67 4.27
C64 PAR B . -5.12 1.75 5.95
N64 PAR B . -6.17 1.71 4.92
H11 PAR B . 1.85 -0.05 -2.10
H21 PAR B . 1.92 2.34 -2.39
HN21 PAR B . -0.11 2.19 -1.57
HN22 PAR B . -0.65 2.64 -3.05
H31 PAR B . 0.61 2.00 -5.17
HO31 PAR B . 0.34 4.02 -5.01
H41 PAR B . 3.48 2.85 -4.47
HO41 PAR B . 1.97 2.55 -6.83
H51 PAR B . 2.46 0.26 -5.81
H611 PAR B . 5.12 -0.08 -4.80
H612 PAR B . 5.18 1.46 -5.70
HO61 PAR B . 3.77 -0.63 -6.88
H12 PAR B . -2.11 -3.79 -3.93
H121 PAR B . -0.81 -6.31 -3.33
H122 PAR B . -1.97 -5.84 -2.28
H221 PAR B . -0.36 -4.72 -5.38
H222 PAR B . 0.79 -4.84 -4.02
H32 PAR B . -0.43 -2.29 -5.30
H321 PAR B . 1.32 -3.22 -6.51
H322 PAR B . 1.93 -1.89 -5.76
H42 PAR B . 1.60 -2.29 -2.98
H52 PAR B . -1.37 -1.53 -2.71
H62 PAR B . -0.09 -4.11 -1.62
HO62 PAR B . -2.73 -3.09 -1.71
H13 PAR B . -1.98 -1.26 -0.38
H23 PAR B . 0.52 -1.51 1.35
HO23 PAR B . -1.45 -2.97 0.91
H33 PAR B . -0.25 0.11 2.88
H43 PAR B . -1.54 1.86 1.10
H531 PAR B . 1.10 1.46 2.09
H532 PAR B . 0.52 2.89 1.20
HO53 PAR B . 1.46 0.49 0.00
H14 PAR B . -1.67 0.13 4.41
H24 PAR B . -1.94 -2.25 4.15
H241 PAR B . -4.65 -1.64 3.21
H242 PAR B . -3.49 -2.54 2.50
H34 PAR B . -3.64 -2.77 6.02
HO34 PAR B . -2.27 -2.02 7.40
H44 PAR B . -4.44 -0.70 7.32
HO44 PAR B . -6.29 -0.71 6.22
H54 PAR B . -3.09 1.05 6.25
H641 PAR B . -4.70 2.77 5.99
H642 PAR B . -5.58 1.58 6.94
HN61 PAR B . -7.09 1.89 5.34
HN62 PAR B . -6.23 0.77 4.51
C11 PAR B . 3.64 0.85 -2.33
O11 PAR B . 2.57 0.21 -3.07
C21 PAR B . 3.56 2.41 -2.41
N21 PAR B . 2.20 2.89 -2.04
C31 PAR B . 3.94 2.92 -3.83
O31 PAR B . 4.01 4.34 -3.85
C41 PAR B . 5.31 2.36 -4.29
O41 PAR B . 5.57 2.77 -5.63
C51 PAR B . 5.33 0.81 -4.20
O51 PAR B . 4.95 0.41 -2.84
C61 PAR B . 6.69 0.15 -4.47
O61 PAR B . 6.78 -0.31 -5.81
C12 PAR B . 0.15 -3.36 -3.02
N12 PAR B . -0.31 -4.75 -2.81
C22 PAR B . 1.48 -3.39 -3.81
C32 PAR B . 2.02 -1.96 -4.07
N32 PAR B . 3.29 -2.08 -4.82
C42 PAR B . 2.22 -1.16 -2.74
C52 PAR B . 0.92 -1.17 -1.87
O52 PAR B . 1.24 -0.62 -0.56
C62 PAR B . 0.33 -2.60 -1.67
O62 PAR B . -0.92 -2.50 -1.01
C13 PAR B . 0.22 0.13 0.15
C23 PAR B . 0.28 -0.24 1.64
O23 PAR B . -0.61 -1.31 1.91
C33 PAR B . -0.19 1.06 2.30
O33 PAR B . -1.64 1.13 2.38
C43 PAR B . 0.35 2.15 1.36
O43 PAR B . 0.49 1.53 0.06
C53 PAR B . 1.71 2.72 1.80
O53 PAR B . 1.53 3.57 2.93
C14 PAR B . -2.20 1.34 3.71
C24 PAR B . -2.84 0.04 4.25
N24 PAR B . -3.80 -0.58 3.30
C34 PAR B . -3.51 0.31 5.64
O34 PAR B . -2.48 0.50 6.61
C44 PAR B . -4.44 1.57 5.65
O44 PAR B . -5.65 1.24 4.98
C54 PAR B . -3.76 2.80 4.96
O54 PAR B . -3.21 2.40 3.66
C64 PAR B . -4.73 3.98 4.75
N64 PAR B . -4.01 5.27 4.55
H11 PAR B . 3.58 0.57 -1.27
H21 PAR B . 4.27 2.83 -1.68
HN21 PAR B . 2.10 2.89 -1.02
HN22 PAR B . 2.09 3.87 -2.33
H31 PAR B . 3.17 2.60 -4.56
HO31 PAR B . 4.68 4.58 -3.21
H41 PAR B . 6.10 2.76 -3.63
HO41 PAR B . 5.87 3.68 -5.57
H51 PAR B . 4.58 0.39 -4.90
H611 PAR B . 6.81 -0.73 -3.80
H612 PAR B . 7.54 0.84 -4.25
HO61 PAR B . 7.71 -0.39 -6.01
H12 PAR B . -0.61 -2.84 -3.63
H121 PAR B . 0.48 -5.40 -2.92
H122 PAR B . -0.64 -4.87 -1.85
H221 PAR B . 1.28 -3.86 -4.81
H222 PAR B . 2.23 -4.02 -3.31
H32 PAR B . 1.31 -1.42 -4.71
H321 PAR B . 3.63 -1.15 -5.10
H322 PAR B . 4.03 -2.47 -4.21
H42 PAR B . 3.03 -1.64 -2.16
H52 PAR B . 0.16 -0.54 -2.39
H62 PAR B . 1.02 -3.17 -1.02
HO62 PAR B . -1.49 -1.99 -1.60
H13 PAR B . -0.78 -0.08 -0.24
H23 PAR B . 1.31 -0.52 1.96
HO23 PAR B . -1.47 -1.02 1.61
H33 PAR B . 0.30 1.15 3.29
H43 PAR B . -0.39 2.98 1.28
H531 PAR B . 2.14 3.33 0.98
H532 PAR B . 2.42 1.92 2.04
HO53 PAR B . 0.86 4.21 2.69
H14 PAR B . -1.38 1.64 4.39
H24 PAR B . -2.02 -0.70 4.42
H241 PAR B . -3.32 -1.26 2.71
H242 PAR B . -4.52 -1.10 3.81
H34 PAR B . -4.09 -0.57 5.97
HO34 PAR B . -2.90 0.94 7.36
H44 PAR B . -4.69 1.83 6.70
HO44 PAR B . -6.31 1.86 5.30
H54 PAR B . -2.92 3.14 5.61
H641 PAR B . -5.39 4.08 5.63
H642 PAR B . -5.39 3.80 3.89
HN61 PAR B . -3.22 5.32 5.19
HN62 PAR B . -4.63 6.05 4.80
C11 PAR B . 4.27 0.19 -2.88
O11 PAR B . 3.19 -0.43 -3.64
C21 PAR B . 4.21 1.75 -2.97
N21 PAR B . 2.85 2.26 -2.66
C31 PAR B . 4.65 2.23 -4.39
O31 PAR B . 4.75 3.66 -4.40
C41 PAR B . 6.03 1.64 -4.79
O41 PAR B . 6.33 2.06 -6.12
C51 PAR B . 5.99 0.09 -4.70
O51 PAR B . 5.56 -0.29 -3.35
C61 PAR B . 7.34 -0.60 -4.95
O61 PAR B . 7.15 -1.94 -5.36
C12 PAR B . 0.49 -3.78 -3.39
N12 PAR B . -0.08 -5.12 -3.14
C22 PAR B . 1.74 -3.91 -4.27
C32 PAR B . 2.40 -2.54 -4.57
N32 PAR B . 3.60 -2.78 -5.41
C42 PAR B . 2.76 -1.77 -3.26
C52 PAR B . 1.53 -1.67 -2.29
O52 PAR B . 2.01 -1.18 -1.00
C62 PAR B . 0.83 -3.05 -2.05
O62 PAR B . -0.37 -2.83 -1.31
C13 PAR B . 1.08 -0.49 -0.12
C23 PAR B . 1.51 -0.71 1.33
O23 PAR B . 0.85 -1.87 1.85
C33 PAR B . 1.00 0.57 1.99
O33 PAR B . -0.42 0.49 2.30
C43 PAR B . 1.25 1.62 0.90
O43 PAR B . 1.14 0.92 -0.36
C53 PAR B . 2.64 2.27 1.01
O53 PAR B . 2.81 3.28 0.03
C14 PAR B . -0.78 0.24 3.68
C24 PAR B . -1.27 -1.22 3.87
N24 PAR B . -2.28 -1.62 2.87
C34 PAR B . -1.81 -1.44 5.32
O34 PAR B . -0.70 -1.46 6.22
C44 PAR B . -2.80 -0.34 5.80
O44 PAR B . -4.05 -0.54 5.12
C54 PAR B . -2.25 1.09 5.50
O54 PAR B . -1.83 1.18 4.10
C64 PAR B . -3.28 2.20 5.78
N64 PAR B . -3.50 3.11 4.64
H11 PAR B . 4.17 -0.08 -1.81
H21 PAR B . 4.90 2.16 -2.22
HN21 PAR B . 2.43 1.68 -1.92
HN22 PAR B . 2.91 3.20 -2.28
H31 PAR B . 3.90 1.94 -5.13
HO31 PAR B . 4.93 3.90 -5.32
H41 PAR B . 6.81 2.03 -4.11
HO41 PAR B . 7.28 1.90 -6.24
H51 PAR B . 5.24 -0.30 -5.42
H611 PAR B . 7.91 -0.60 -3.99
H612 PAR B . 7.96 -0.05 -5.68
HO61 PAR B . 7.57 -2.49 -4.69
H12 PAR B . -0.27 -3.18 -3.93
H121 PAR B . -1.07 -5.14 -3.44
H122 PAR B . 0.40 -5.82 -3.70
H221 PAR B . 1.43 -4.37 -5.24
H222 PAR B . 2.47 -4.62 -3.82
H32 PAR B . 1.69 -1.95 -5.16
H321 PAR B . 3.35 -2.78 -6.40
H322 PAR B . 4.27 -2.02 -5.29
H42 PAR B . 3.57 -2.31 -2.75
H52 PAR B . 0.81 -0.96 -2.73
H62 PAR B . 1.51 -3.69 -1.45
HO62 PAR B . -0.85 -2.16 -1.78
H13 PAR B . 0.05 -0.86 -0.28
H23 PAR B . 2.61 -0.82 1.43
HO23 PAR B . 0.69 -2.44 1.11
H33 PAR B . 1.62 0.79 2.89
H43 PAR B . 0.48 2.41 0.94
H531 PAR B . 3.43 1.50 0.84
H532 PAR B . 2.81 2.69 2.02
HO53 PAR B . 3.53 3.00 -0.53
H14 PAR B . 0.11 0.40 4.31
H24 PAR B . -0.39 -1.88 3.74
H241 PAR B . -2.04 -1.21 1.96
H242 PAR B . -2.25 -2.64 2.72
H34 PAR B . -2.30 -2.42 5.40
HO34 PAR B . -0.01 -1.97 5.79
H44 PAR B . -2.99 -0.44 6.89
HO44 PAR B . -4.34 -1.41 5.37
H54 PAR B . -1.37 1.26 6.15
H641 PAR B . -2.96 2.80 6.66
H642 PAR B . -4.25 1.76 6.08
HN61 PAR B . -2.60 3.32 4.19
HN62 PAR B . -3.87 4.01 4.97
C11 PAR B . 3.46 0.21 -2.41
O11 PAR B . 2.30 -0.30 -3.13
C21 PAR B . 3.45 1.77 -2.33
N21 PAR B . 2.16 2.28 -1.83
C31 PAR B . 3.80 2.40 -3.72
O31 PAR B . 3.96 3.81 -3.59
C41 PAR B . 5.09 1.80 -4.32
O41 PAR B . 5.29 2.35 -5.63
C51 PAR B . 4.99 0.26 -4.39
O51 PAR B . 4.69 -0.25 -3.05
C61 PAR B . 6.28 -0.46 -4.85
O61 PAR B . 6.01 -1.36 -5.91
C12 PAR B . -0.20 -3.82 -3.29
N12 PAR B . -0.66 -5.21 -3.17
C22 PAR B . 1.06 -3.77 -4.17
C32 PAR B . 1.62 -2.33 -4.31
N32 PAR B . 2.83 -2.38 -5.17
C42 PAR B . 1.92 -1.68 -2.93
C52 PAR B . 0.67 -1.75 -1.97
O52 PAR B . 1.09 -1.34 -0.65
C62 PAR B . 0.07 -3.19 -1.89
O62 PAR B . -1.14 -3.13 -1.15
C13 PAR B . 0.15 -0.60 0.16
C23 PAR B . 0.38 -0.95 1.63
O23 PAR B . -0.42 -2.06 1.99
C33 PAR B . -0.09 0.34 2.34
O33 PAR B . -1.54 0.34 2.52
C43 PAR B . 0.32 1.44 1.34
O43 PAR B . 0.38 0.81 0.04
C53 PAR B . 1.69 2.06 1.68
O53 PAR B . 2.76 1.28 1.19
C14 PAR B . -2.02 0.24 3.89
C24 PAR B . -2.33 -1.24 4.27
N24 PAR B . -3.13 -1.94 3.23
C34 PAR B . -3.02 -1.32 5.67
O34 PAR B . -2.05 -1.05 6.67
C44 PAR B . -4.20 -0.32 5.85
O44 PAR B . -5.31 -0.79 5.09
C54 PAR B . -3.80 1.12 5.39
O54 PAR B . -3.23 1.06 4.04
C64 PAR B . -5.00 2.10 5.42
N64 PAR B . -5.00 3.01 4.25
H11 PAR B . 3.44 -0.18 -1.37
H21 PAR B . 4.23 2.07 -1.61
HN21 PAR B . 2.28 2.73 -0.92
HN22 PAR B . 1.81 3.02 -2.46
H31 PAR B . 2.96 2.21 -4.43
HO31 PAR B . 3.12 4.15 -3.27
H41 PAR B . 5.95 2.09 -3.69
HO41 PAR B . 6.22 2.23 -5.82
H51 PAR B . 4.16 -0.03 -5.06
H611 PAR B . 6.68 -1.05 -3.99
H612 PAR B . 7.07 0.26 -5.14
HO61 PAR B . 6.51 -1.03 -6.66
H12 PAR B . -1.00 -3.24 -3.79
H121 PAR B . 0.10 -5.86 -3.40
H122 PAR B . -0.92 -5.42 -2.20
H221 PAR B . 0.79 -4.14 -5.19
H222 PAR B . 1.84 -4.46 -3.79
H32 PAR B . 0.87 -1.72 -4.84
H321 PAR B . 3.67 -2.18 -4.61
H322 PAR B . 2.97 -3.34 -5.53
H42 PAR B . 2.75 -2.25 -2.45
H52 PAR B . -0.09 -1.07 -2.38
H62 PAR B . 0.79 -3.84 -1.33
HO62 PAR B . -0.90 -3.24 -0.22
H13 PAR B . -0.89 -0.83 -0.12
H23 PAR B . 1.44 -1.17 1.86
HO23 PAR B . -0.17 -2.78 1.39
H33 PAR B . 0.47 0.45 3.29
H43 PAR B . -0.44 2.22 1.31
H531 PAR B . 1.79 2.13 2.79
H532 PAR B . 1.77 3.09 1.27
HO53 PAR B . 2.61 1.17 0.25
H14 PAR B . -1.24 0.62 4.57
H24 PAR B . -1.36 -1.77 4.35
H241 PAR B . -3.18 -1.37 2.38
H242 PAR B . -2.67 -2.81 2.96
H34 PAR B . -3.38 -2.35 5.85
HO34 PAR B . -1.68 -0.18 6.46
H44 PAR B . -4.50 -0.30 6.91
HO44 PAR B . -5.08 -0.65 4.17
H54 PAR B . -3.02 1.50 6.10
H641 PAR B . -4.96 2.72 6.33
H642 PAR B . -5.95 1.55 5.45
HN61 PAR B . -5.91 3.49 4.20
HN62 PAR B . -4.94 2.46 3.38
C11 PAR B . 3.76 0.29 -2.47
O11 PAR B . 2.76 -0.29 -3.36
C21 PAR B . 3.64 1.85 -2.39
N21 PAR B . 2.25 2.26 -2.11
C31 PAR B . 4.15 2.51 -3.70
O31 PAR B . 4.20 3.93 -3.54
C41 PAR B . 5.57 2.02 -4.09
O41 PAR B . 5.93 2.60 -5.34
C51 PAR B . 5.59 0.47 -4.18
O51 PAR B . 5.11 -0.08 -2.91
C61 PAR B . 6.98 -0.15 -4.43
O61 PAR B . 6.88 -1.49 -4.88
C12 PAR B . -0.13 -3.48 -3.44
N12 PAR B . -0.81 -4.77 -3.27
C22 PAR B . 1.23 -3.71 -4.16
C32 PAR B . 2.00 -2.38 -4.38
N32 PAR B . 3.29 -2.70 -5.02
C42 PAR B . 2.21 -1.59 -3.04
C52 PAR B . 0.87 -1.41 -2.25
O52 PAR B . 1.20 -0.92 -0.91
C62 PAR B . 0.08 -2.75 -2.09
O62 PAR B . -1.20 -2.46 -1.52
C13 PAR B . 0.19 -0.19 -0.18
C23 PAR B . 0.23 -0.60 1.29
O23 PAR B . -0.66 -1.68 1.51
C33 PAR B . -0.25 0.67 1.98
O33 PAR B . -1.70 0.78 1.98
C43 PAR B . 0.38 1.77 1.11
O43 PAR B . 0.47 1.22 -0.22
C53 PAR B . 1.77 2.21 1.60
O53 PAR B . 2.36 3.12 0.69
C14 PAR B . -2.36 0.78 3.27
C24 PAR B . -2.76 -0.66 3.71
N24 PAR B . -3.44 -1.42 2.64
C34 PAR B . -3.61 -0.62 5.02
O34 PAR B . -2.75 -0.27 6.10
C44 PAR B . -4.78 0.41 4.98
O44 PAR B . -5.80 -0.10 4.12
C54 PAR B . -4.29 1.80 4.45
O54 PAR B . -3.57 1.63 3.20
C64 PAR B . -5.45 2.81 4.23
N64 PAR B . -4.97 4.19 4.02
H11 PAR B . 3.62 -0.12 -1.45
H21 PAR B . 4.28 2.18 -1.55
HN21 PAR B . 1.95 2.96 -2.79
HN22 PAR B . 1.62 1.46 -2.22
H31 PAR B . 3.46 2.27 -4.53
HO31 PAR B . 4.78 4.10 -2.80
H41 PAR B . 6.29 2.34 -3.32
HO41 PAR B . 6.90 2.59 -5.36
H51 PAR B . 4.90 0.14 -4.98
H611 PAR B . 7.54 -0.15 -3.47
H612 PAR B . 7.57 0.46 -5.14
HO61 PAR B . 7.74 -1.88 -4.75
H12 PAR B . -0.76 -2.84 -4.10
H121 PAR B . -1.12 -5.14 -4.18
H122 PAR B . -0.15 -5.47 -2.92
H221 PAR B . 1.03 -4.15 -5.15
H222 PAR B . 1.85 -4.43 -3.59
H32 PAR B . 1.42 -1.74 -5.07
H321 PAR B . 3.84 -1.84 -5.16
H322 PAR B . 3.86 -3.29 -4.41
H42 PAR B . 2.92 -2.16 -2.41
H52 PAR B . 0.25 -0.69 -2.80
H62 PAR B . 0.64 -3.42 -1.40
HO62 PAR B . -1.14 -2.72 -0.59
H13 PAR B . -0.83 -0.37 -0.60
H23 PAR B . 1.25 -0.89 1.62
HO23 PAR B . -0.38 -2.39 0.92
H33 PAR B . 0.18 0.71 3.01
H43 PAR B . -0.30 2.66 1.08
H531 PAR B . 2.43 1.32 1.67
H532 PAR B . 1.71 2.67 2.60
HO53 PAR B . 3.01 2.62 0.19
H14 PAR B . -1.66 1.20 4.02
H24 PAR B . -1.81 -1.19 3.95
H241 PAR B . -3.13 -1.10 1.72
H242 PAR B . -3.18 -2.40 2.69
H34 PAR B . -4.02 -1.62 5.24
HO34 PAR B . -1.99 -0.85 6.03
H44 PAR B . -5.21 0.53 5.99
HO44 PAR B . -6.61 -0.07 4.64
H54 PAR B . -3.60 2.23 5.22
H641 PAR B . -6.12 2.81 5.12
H642 PAR B . -6.07 2.50 3.38
HN61 PAR B . -5.46 4.61 3.22
HN62 PAR B . -3.98 4.18 3.74
C11 PAR B . 2.78 1.25 -1.53
O11 PAR B . 2.39 0.45 -2.68
C21 PAR B . 1.82 2.47 -1.30
N21 PAR B . 0.41 2.03 -1.29
C31 PAR B . 2.04 3.56 -2.38
O31 PAR B . 1.26 4.72 -2.07
C41 PAR B . 3.53 3.98 -2.48
O41 PAR B . 3.68 4.92 -3.54
C51 PAR B . 4.42 2.73 -2.73
O51 PAR B . 4.16 1.74 -1.69
C61 PAR B . 5.93 3.01 -2.70
O61 PAR B . 6.46 3.12 -4.02
C12 PAR B . 0.32 -3.24 -3.24
N12 PAR B . -0.12 -4.64 -3.34
C22 PAR B . 1.64 -3.07 -4.01
C32 PAR B . 2.14 -1.59 -3.99
N32 PAR B . 3.44 -1.54 -4.69
C42 PAR B . 2.25 -0.99 -2.54
C52 PAR B . 1.00 -1.33 -1.64
O52 PAR B . 1.37 -1.09 -0.26
C62 PAR B . 0.51 -2.80 -1.77
O62 PAR B . -0.75 -2.93 -1.09
C13 PAR B . 0.32 -0.94 0.75
C23 PAR B . 0.88 -1.33 2.11
O23 PAR B . 0.56 -2.70 2.38
C33 PAR B . 0.11 -0.39 3.05
O33 PAR B . -1.19 -0.91 3.39
C43 PAR B . -0.02 0.88 2.20
O43 PAR B . -0.08 0.44 0.82
C53 PAR B . 1.16 1.85 2.38
O53 PAR B . 0.85 3.12 1.83
C14 PAR B . -1.57 -0.86 4.79
C24 PAR B . -1.18 -2.17 5.54
N24 PAR B . -1.59 -3.39 4.81
C34 PAR B . -1.73 -2.15 7.00
O34 PAR B . -0.95 -1.22 7.76
C44 PAR B . -3.22 -1.73 7.11
O44 PAR B . -4.03 -2.81 6.64
C54 PAR B . -3.50 -0.45 6.27
O54 PAR B . -3.01 -0.63 4.90
C64 PAR B . -5.01 -0.07 6.21
N64 PAR B . -5.21 1.37 6.02
H11 PAR B . 2.76 0.63 -0.61
H21 PAR B . 2.05 2.90 -0.31
HN21 PAR B . 0.35 1.01 -1.30
HN22 PAR B . -0.05 2.33 -0.43
H31 PAR B . 1.71 3.18 -3.36
HO31 PAR B . 0.38 4.55 -2.40
H41 PAR B . 3.83 4.46 -1.52
HO41 PAR B . 4.59 5.23 -3.50
H51 PAR B . 4.16 2.28 -3.71
H611 PAR B . 6.44 2.17 -2.18
H612 PAR B . 6.17 3.93 -2.12
HO61 PAR B . 5.94 3.78 -4.46
H12 PAR B . -0.45 -2.61 -3.72
H121 PAR B . -0.04 -5.10 -2.43
H122 PAR B . -1.12 -4.68 -3.59
H221 PAR B . 1.46 -3.36 -5.07
H222 PAR B . 2.42 -3.76 -3.62
H32 PAR B . 1.42 -0.98 -4.57
H321 PAR B . 4.15 -2.05 -4.14
H322 PAR B . 3.38 -2.05 -5.59
H42 PAR B . 3.14 -1.43 -2.06
H52 PAR B . 0.18 -0.64 -1.95
H62 PAR B . 1.24 -3.46 -1.27
HO62 PAR B . -0.55 -3.33 -0.25
H13 PAR B . -0.56 -1.56 0.49
H23 PAR B . 1.97 -1.19 2.18
HO23 PAR B . 0.39 -2.75 3.33
H33 PAR B . 0.74 -0.19 3.94
H43 PAR B . -0.96 1.40 2.45
H531 PAR B . 2.06 1.46 1.87
H532 PAR B . 1.42 1.98 3.46
HO53 PAR B . 0.53 3.66 2.54
H14 PAR B . -1.02 -0.02 5.26
H24 PAR B . -0.06 -2.19 5.60
H241 PAR B . -1.51 -3.25 3.80
H242 PAR B . -0.97 -4.17 5.04
H34 PAR B . -1.58 -3.13 7.47
HO34 PAR B . -0.03 -1.43 7.56
H44 PAR B . -3.47 -1.55 8.17
HO44 PAR B . -4.51 -3.14 7.39
H54 PAR B . -2.96 0.40 6.74
H641 PAR B . -5.51 -0.38 7.14
H642 PAR B . -5.50 -0.62 5.40
HN61 PAR B . -6.22 1.59 5.98
HN62 PAR B . -4.84 1.67 5.11
C11 PAR B . 1.60 0.61 -2.97
O11 PAR B . 0.47 -0.15 -3.50
C21 PAR B . 1.31 2.15 -2.95
N21 PAR B . 0.02 2.45 -2.29
C31 PAR B . 1.33 2.74 -4.40
O31 PAR B . 1.24 4.17 -4.34
C41 PAR B . 2.62 2.36 -5.16
O41 PAR B . 2.53 2.84 -6.50
C51 PAR B . 2.82 0.82 -5.14
O51 PAR B . 2.80 0.35 -3.77
C61 PAR B . 4.16 0.33 -5.76
O61 PAR B . 5.21 1.26 -5.52
C12 PAR B . -1.53 -3.94 -2.83
N12 PAR B . -1.75 -5.35 -2.50
C22 PAR B . -0.47 -3.83 -3.96
C32 PAR B . -0.14 -2.36 -4.34
N32 PAR B . 0.89 -2.38 -5.40
C42 PAR B . 0.33 -1.54 -3.09
C52 PAR B . -0.70 -1.65 -1.92
O52 PAR B . -0.10 -1.03 -0.73
C62 PAR B . -1.07 -3.12 -1.58
O62 PAR B . -2.13 -3.12 -0.62
C13 PAR B . -0.98 -0.46 0.27
C23 PAR B . -0.33 -0.58 1.64
O23 PAR B . -0.71 -1.83 2.24
C33 PAR B . -0.96 0.60 2.38
O33 PAR B . -2.28 0.28 2.90
C43 PAR B . -1.07 1.66 1.27
O43 PAR B . -1.15 0.94 0.02
C53 PAR B . 0.13 2.63 1.25
O53 PAR B . -0.10 3.70 0.35
C14 PAR B . -2.36 -0.13 4.29
C24 PAR B . -3.06 -1.51 4.43
N24 PAR B . -4.34 -1.57 3.69
C34 PAR B . -3.25 -1.87 5.94
O34 PAR B . -1.99 -2.20 6.49
C44 PAR B . -3.88 -0.72 6.79
O44 PAR B . -5.27 -0.62 6.46
C54 PAR B . -3.16 0.64 6.51
O54 PAR B . -3.09 0.88 5.07
C64 PAR B . -3.87 1.84 7.18
N64 PAR B . -4.92 2.43 6.32
H11 PAR B . 1.81 0.30 -1.93
H21 PAR B . 2.11 2.63 -2.37
HN21 PAR B . 0.05 3.38 -1.87
HN22 PAR B . -0.74 2.48 -2.99
H31 PAR B . 0.46 2.35 -4.97
HO31 PAR B . 0.47 4.36 -3.81
H41 PAR B . 3.49 2.84 -4.66
HO41 PAR B . 1.88 2.28 -6.94
H51 PAR B . 1.99 0.33 -5.69
H611 PAR B . 4.02 0.23 -6.86
H612 PAR B . 4.44 -0.67 -5.38
HO61 PAR B . 5.30 1.32 -4.56
H12 PAR B . -2.47 -3.51 -3.20
H121 PAR B . -2.73 -5.61 -2.72
H122 PAR B . -1.17 -5.95 -3.09
H221 PAR B . -0.89 -4.33 -4.87
H222 PAR B . 0.45 -4.39 -3.68
H32 PAR B . -1.05 -1.89 -4.75
H321 PAR B . 0.44 -2.38 -6.32
H322 PAR B . 1.44 -1.51 -5.37
H42 PAR B . 1.30 -1.94 -2.75
H52 PAR B . -1.61 -1.09 -2.21
H62 PAR B . -0.19 -3.61 -1.12
HO62 PAR B . -1.72 -3.31 0.23
H13 PAR B . -1.97 -0.95 0.26
H23 PAR B . 0.77 -0.52 1.60
HO23 PAR B . -0.91 -2.43 1.51
H33 PAR B . -0.26 0.94 3.17
H43 PAR B . -2.00 2.25 1.40
H531 PAR B . 1.03 2.08 0.91
H532 PAR B . 0.35 3.03 2.26
HO53 PAR B . 0.60 3.65 -0.31
H14 PAR B . -1.32 -0.22 4.68
H24 PAR B . -2.38 -2.27 3.99
H241 PAR B . -5.09 -1.14 4.24
H242 PAR B . -4.27 -1.03 2.82
H34 PAR B . -3.89 -2.78 6.03
HO34 PAR B . -1.65 -2.93 5.96
H44 PAR B . -3.80 -0.97 7.86
HO44 PAR B . -5.30 -0.23 5.58
H54 PAR B . -2.13 0.57 6.92
H641 PAR B . -3.13 2.62 7.42
H642 PAR B . -4.31 1.53 8.15
HN61 PAR B . -5.51 1.68 5.93
HN62 PAR B . -4.50 2.91 5.53
C11 PAR B . 3.21 0.76 -1.54
O11 PAR B . 2.27 0.12 -2.46
C21 PAR B . 2.91 2.28 -1.35
N21 PAR B . 1.48 2.50 -1.02
C31 PAR B . 3.30 3.09 -2.62
O31 PAR B . 3.17 4.49 -2.37
C41 PAR B . 4.76 2.81 -3.06
O41 PAR B . 5.02 3.50 -4.27
C51 PAR B . 4.97 1.27 -3.25
O51 PAR B . 4.59 0.58 -2.02
C61 PAR B . 6.42 0.86 -3.56
O61 PAR B . 6.72 1.04 -4.93
C12 PAR B . 0.00 -3.53 -2.81
N12 PAR B . -0.39 -4.95 -2.74
C22 PAR B . 1.34 -3.42 -3.59
C32 PAR B . 1.84 -1.95 -3.68
N32 PAR B . 3.13 -1.95 -4.40
C42 PAR B . 1.97 -1.29 -2.27
C52 PAR B . 0.66 -1.43 -1.43
O52 PAR B . 0.95 -1.01 -0.07
C62 PAR B . 0.13 -2.90 -1.40
O62 PAR B . -1.15 -2.92 -0.77
C13 PAR B . -0.15 -0.52 0.75
C23 PAR B . 0.14 -0.84 2.21
O23 PAR B . -0.42 -2.12 2.54
C33 PAR B . -0.62 0.28 2.92
O33 PAR B . -2.03 -0.03 3.07
C43 PAR B . -0.43 1.47 1.95
O43 PAR B . -0.24 0.90 0.64
C53 PAR B . 0.76 2.36 2.32
O53 PAR B . 0.54 3.70 1.91
C14 PAR B . -2.69 0.48 4.25
C24 PAR B . -3.30 -0.68 5.10
N24 PAR B . -4.09 -1.63 4.28
C34 PAR B . -4.14 -0.10 6.28
O34 PAR B . -3.25 0.43 7.25
C44 PAR B . -5.15 1.01 5.85
O44 PAR B . -6.22 0.41 5.13
C54 PAR B . -4.43 2.08 4.97
O54 PAR B . -3.74 1.42 3.87
C64 PAR B . -5.41 3.13 4.39
N64 PAR B . -4.75 4.44 4.14
H11 PAR B . 3.15 0.27 -0.54
H21 PAR B . 3.51 2.64 -0.49
HN21 PAR B . 0.99 1.59 -0.98
HN22 PAR B . 1.40 2.90 -0.08
H31 PAR B . 2.62 2.83 -3.44
HO31 PAR B . 3.63 4.65 -1.53
H41 PAR B . 5.45 3.17 -2.27
HO41 PAR B . 5.97 3.45 -4.40
H51 PAR B . 4.31 0.92 -4.07
H611 PAR B . 6.54 -0.22 -3.31
H612 PAR B . 7.15 1.40 -2.93
HO61 PAR B . 7.60 0.65 -5.06
H12 PAR B . -0.77 -2.99 -3.37
H121 PAR B . 0.42 -5.55 -2.91
H122 PAR B . -0.72 -5.17 -1.80
H221 PAR B . 1.16 -3.79 -4.62
H222 PAR B . 2.11 -4.08 -3.13
H32 PAR B . 1.12 -1.38 -4.28
H321 PAR B . 3.58 -1.04 -4.32
H322 PAR B . 3.78 -2.62 -3.97
H42 PAR B . 2.80 -1.79 -1.72
H52 PAR B . -0.11 -0.78 -1.89
H62 PAR B . 0.82 -3.51 -0.78
HO62 PAR B . -0.99 -3.12 0.16
H13 PAR B . -1.11 -0.98 0.43
H23 PAR B . 1.21 -0.83 2.44
HO23 PAR B . -0.06 -2.73 1.89
H33 PAR B . -0.12 0.50 3.88
H43 PAR B . -1.36 2.08 1.93
H531 PAR B . 1.67 2.00 1.79
H532 PAR B . 0.97 2.33 3.41
HO53 PAR B . 0.93 3.78 1.04
H14 PAR B . -1.94 1.00 4.88
H24 PAR B . -2.45 -1.25 5.54
H241 PAR B . -4.57 -2.31 4.89
H242 PAR B . -4.84 -1.12 3.79
H34 PAR B . -4.71 -0.92 6.79
HO34 PAR B . -3.79 0.97 7.84
H44 PAR B . -5.57 1.49 6.76
HO44 PAR B . -7.02 0.79 5.49
H54 PAR B . -3.69 2.61 5.61
H641 PAR B . -6.25 3.30 5.10
H642 PAR B . -5.86 2.77 3.46
HN61 PAR B . -3.91 4.53 4.73
HN62 PAR B . -5.37 5.20 4.42
C11 PAR B . 1.53 0.58 -2.88
O11 PAR B . 0.57 -0.25 -3.59
C21 PAR B . 1.05 2.07 -2.81
N21 PAR B . -0.34 2.17 -2.32
C31 PAR B . 1.19 2.76 -4.21
O31 PAR B . 0.92 4.16 -4.09
C41 PAR B . 2.61 2.58 -4.80
O41 PAR B . 2.64 3.15 -6.11
C51 PAR B . 2.98 1.08 -4.86
O51 PAR B . 2.84 0.51 -3.52
C61 PAR B . 4.43 0.78 -5.31
O61 PAR B . 4.50 0.54 -6.70
C12 PAR B . -0.96 -4.28 -3.53
N12 PAR B . -1.08 -5.75 -3.43
C22 PAR B . 0.09 -3.93 -4.61
C32 PAR B . 0.29 -2.39 -4.75
N32 PAR B . 1.35 -2.16 -5.75
C42 PAR B . 0.62 -1.70 -3.39
C52 PAR B . -0.40 -2.11 -2.26
O52 PAR B . 0.11 -1.62 -0.99
C62 PAR B . -0.60 -3.65 -2.17
O62 PAR B . -1.64 -3.92 -1.23
C13 PAR B . -0.84 -1.11 -0.02
C23 PAR B . -0.34 -1.41 1.39
O23 PAR B . -0.81 -2.69 1.82
C33 PAR B . -0.98 -0.29 2.20
O33 PAR B . -2.33 -0.63 2.59
C43 PAR B . -0.98 0.90 1.20
O43 PAR B . -0.93 0.31 -0.12
C53 PAR B . 0.21 1.85 1.41
O53 PAR B . 1.33 1.46 0.64
C14 PAR B . -2.92 0.14 3.67
C24 PAR B . -3.97 -0.69 4.46
N24 PAR B . -4.95 -1.37 3.56
C34 PAR B . -4.69 0.20 5.52
O34 PAR B . -3.78 0.46 6.58
C44 PAR B . -5.20 1.56 4.95
O44 PAR B . -6.35 1.32 4.15
C54 PAR B . -4.09 2.28 4.12
O54 PAR B . -3.55 1.35 3.13
C64 PAR B . -4.61 3.54 3.38
N64 PAR B . -3.56 4.57 3.22
H11 PAR B . 1.65 0.22 -1.85
H21 PAR B . 1.70 2.60 -2.10
HN21 PAR B . -0.84 1.30 -2.51
HN22 PAR B . -0.35 2.29 -1.30
H31 PAR B . 0.45 2.32 -4.91
HO31 PAR B . 1.49 4.48 -3.39
H41 PAR B . 3.34 3.11 -4.17
HO41 PAR B . 2.56 4.10 -5.99
H51 PAR B . 2.28 0.55 -5.54
H611 PAR B . 4.79 -0.13 -4.78
H612 PAR B . 5.12 1.60 -5.03
HO61 PAR B . 4.16 1.34 -7.12
H12 PAR B . -1.95 -3.88 -3.86
H121 PAR B . -1.03 -6.04 -2.45
H122 PAR B . -2.00 -6.06 -3.77
H221 PAR B . -0.27 -4.32 -5.59
H222 PAR B . 1.05 -4.43 -4.39
H32 PAR B . -0.65 -1.95 -5.15
H321 PAR B . 0.95 -1.84 -6.63
H322 PAR B . 1.98 -1.41 -5.43
H42 PAR B . 1.63 -2.02 -3.07
H52 PAR B . -1.37 -1.63 -2.50
H62 PAR B . 0.34 -4.10 -1.79
HO62 PAR B . -1.23 -3.85 -0.36
H13 PAR B . -1.84 -1.56 -0.16
H23 PAR B . 0.78 -1.39 1.46
HO23 PAR B . -0.11 -3.08 2.33
H33 PAR B . -0.33 -0.06 3.07
H43 PAR B . -1.92 1.46 1.29
H531 PAR B . 0.52 1.83 2.48
H532 PAR B . -0.06 2.89 1.18
HO53 PAR B . 1.19 1.83 -0.24
H14 PAR B . -2.11 0.43 4.36
H24 PAR B . -3.42 -1.48 5.00
H241 PAR B . -4.48 -1.73 2.73
H242 PAR B . -5.34 -2.20 4.04
H34 PAR B . -5.54 -0.35 5.95
HO34 PAR B . -3.29 -0.36 6.71
H44 PAR B . -5.49 2.22 5.80
HO44 PAR B . -6.04 0.83 3.39
H54 PAR B . -3.28 2.59 4.80
H641 PAR B . -5.45 3.98 3.95
H642 PAR B . -5.00 3.28 2.39
HN61 PAR B . -3.19 4.84 4.14
HN62 PAR B . -3.96 5.42 2.83
C11 PAR B . 2.10 1.00 -1.39
O11 PAR B . 1.00 0.40 -2.12
C21 PAR B . 1.89 2.53 -1.16
N21 PAR B . 0.55 2.83 -0.60
C31 PAR B . 2.11 3.33 -2.49
O31 PAR B . 2.11 4.73 -2.23
C41 PAR B . 3.45 2.96 -3.18
O41 PAR B . 3.53 3.63 -4.43
C51 PAR B . 3.54 1.41 -3.39
O51 PAR B . 3.37 0.77 -2.09
C61 PAR B . 4.88 0.91 -3.95
O61 PAR B . 4.69 -0.27 -4.71
C12 PAR B . -1.02 -3.43 -2.39
N12 PAR B . -1.24 -4.89 -2.32
C22 PAR B . 0.19 -3.15 -3.33
C32 PAR B . 0.54 -1.64 -3.40
N32 PAR B . 1.72 -1.48 -4.29
C42 PAR B . 0.80 -1.03 -1.99
C52 PAR B . -0.39 -1.32 -1.02
O52 PAR B . -0.01 -0.89 0.31
C62 PAR B . -0.77 -2.83 -0.97
O62 PAR B . -1.95 -2.97 -0.19
C13 PAR B . -1.05 -0.35 1.18
C23 PAR B . -0.72 -0.66 2.63
O23 PAR B . -1.24 -1.94 2.98
C33 PAR B . -1.47 0.47 3.35
O33 PAR B . -2.86 0.11 3.60
C43 PAR B . -1.38 1.64 2.36
O43 PAR B . -1.10 1.08 1.06
C53 PAR B . -0.29 2.66 2.74
O53 PAR B . -0.65 3.96 2.32
C14 PAR B . -3.34 0.28 4.95
C24 PAR B . -3.82 -1.07 5.56
N24 PAR B . -4.71 -1.82 4.65
C34 PAR B . -4.48 -0.84 6.95
O34 PAR B . -3.45 -0.52 7.90
C44 PAR B . -5.54 0.30 6.98
O44 PAR B . -6.71 -0.17 6.31
C54 PAR B . -4.99 1.58 6.27
O54 PAR B . -4.46 1.24 4.96
C64 PAR B . -6.08 2.67 6.11
N64 PAR B . -5.62 3.80 5.27
H11 PAR B . 2.18 0.53 -0.39
H21 PAR B . 2.65 2.87 -0.43
HN21 PAR B . 0.48 2.44 0.35
HN22 PAR B . 0.43 3.83 -0.49
H31 PAR B . 1.28 3.11 -3.19
HO31 PAR B . 2.67 4.86 -1.46
H41 PAR B . 4.29 3.28 -2.54
HO41 PAR B . 2.77 3.34 -4.94
H51 PAR B . 2.72 1.09 -4.05
H611 PAR B . 5.55 0.68 -3.11
H612 PAR B . 5.38 1.68 -4.57
HO61 PAR B . 5.28 -0.93 -4.33
H12 PAR B . -1.92 -2.96 -2.83
H121 PAR B . -2.15 -5.11 -2.74
H122 PAR B . -0.55 -5.39 -2.88
H221 PAR B . -0.09 -3.50 -4.35
H222 PAR B . 1.07 -3.75 -3.01
H32 PAR B . -0.30 -1.11 -3.86
H321 PAR B . 1.82 -0.50 -4.56
H322 PAR B . 2.58 -1.72 -3.78
H42 PAR B . 1.71 -1.51 -1.56
H52 PAR B . -1.26 -0.74 -1.39
H62 PAR B . 0.05 -3.38 -0.48
HO62 PAR B . -2.21 -3.89 -0.26
H13 PAR B . -2.04 -0.78 0.91
H23 PAR B . 0.37 -0.63 2.83
HO23 PAR B . -0.58 -2.35 3.55
H33 PAR B . -0.92 0.71 4.29
H43 PAR B . -2.36 2.16 2.31
H531 PAR B . 0.66 2.39 2.21
H532 PAR B . -0.08 2.64 3.83
HO53 PAR B . -0.42 4.54 3.05
H14 PAR B . -2.52 0.68 5.58
H24 PAR B . -2.90 -1.69 5.72
H241 PAR B . -4.16 -2.41 4.01
H242 PAR B . -5.30 -2.46 5.19
H34 PAR B . -4.94 -1.78 7.31
HO34 PAR B . -3.08 0.32 7.61
H44 PAR B . -5.80 0.52 8.02
HO44 PAR B . -7.41 0.42 6.57
H54 PAR B . -4.18 2.00 6.91
H641 PAR B . -6.38 3.07 7.10
H642 PAR B . -6.99 2.24 5.67
HN61 PAR B . -5.20 3.45 4.41
HN62 PAR B . -4.87 4.32 5.75
C11 PAR B . 3.21 0.93 -1.95
O11 PAR B . 2.19 0.22 -2.71
C21 PAR B . 2.98 2.47 -1.96
N21 PAR B . 1.59 2.81 -1.55
C31 PAR B . 3.28 3.07 -3.37
O31 PAR B . 3.20 4.49 -3.33
C41 PAR B . 4.69 2.67 -3.88
O41 PAR B . 4.87 3.15 -5.20
C51 PAR B . 4.86 1.12 -3.84
O51 PAR B . 4.55 0.64 -2.50
C61 PAR B . 6.28 0.62 -4.17
O61 PAR B . 6.47 0.51 -5.57
C12 PAR B . -0.11 -3.43 -2.62
N12 PAR B . -0.52 -4.82 -2.41
C22 PAR B . 1.19 -3.40 -3.45
C32 PAR B . 1.72 -1.96 -3.69
N32 PAR B . 2.99 -2.06 -4.45
C42 PAR B . 1.90 -1.16 -2.37
C52 PAR B . 0.62 -1.23 -1.46
O52 PAR B . 0.97 -0.69 -0.16
C62 PAR B . 0.10 -2.69 -1.27
O62 PAR B . -1.15 -2.63 -0.57
C13 PAR B . -0.08 -0.02 0.61
C23 PAR B . 0.08 -0.36 2.09
O23 PAR B . -0.70 -1.52 2.39
C33 PAR B . -0.51 0.89 2.75
O33 PAR B . -1.96 0.83 2.80
C43 PAR B . -0.04 2.01 1.81
O43 PAR B . 0.09 1.41 0.50
C53 PAR B . 1.30 2.64 2.25
O53 PAR B . 2.34 2.30 1.35
C14 PAR B . -2.57 0.92 4.12
C24 PAR B . -3.14 -0.45 4.58
N24 PAR B . -4.00 -1.08 3.54
C34 PAR B . -3.90 -0.29 5.93
O34 PAR B . -2.94 -0.08 6.97
C44 PAR B . -4.92 0.89 5.96
O44 PAR B . -6.06 0.52 5.19
C54 PAR B . -4.29 2.20 5.37
O54 PAR B . -3.65 1.91 4.09
C64 PAR B . -5.32 3.34 5.19
N64 PAR B . -4.68 4.61 4.81
H11 PAR B . 3.21 0.59 -0.90
H21 PAR B . 3.66 2.93 -1.23
HN21 PAR B . 1.02 1.96 -1.50
HN22 PAR B . 1.59 3.20 -0.60
H31 PAR B . 2.52 2.70 -4.10
HO31 PAR B . 3.27 4.79 -4.24
H41 PAR B . 5.44 3.13 -3.21
HO41 PAR B . 5.81 3.09 -5.38
H51 PAR B . 4.15 0.66 -4.55
H611 PAR B . 6.41 -0.39 -3.72
H612 PAR B . 7.05 1.26 -3.73
HO61 PAR B . 7.41 0.36 -5.70
H12 PAR B . -0.90 -2.91 -3.19
H121 PAR B . -1.50 -4.95 -2.70
H122 PAR B . 0.02 -5.46 -3.01
H221 PAR B . 0.98 -3.86 -4.45
H222 PAR B . 1.98 -4.04 -2.97
H32 PAR B . 0.99 -1.43 -4.33
H321 PAR B . 3.49 -1.16 -4.42
H322 PAR B . 3.61 -2.73 -4.01
H42 PAR B . 2.75 -1.61 -1.80
H52 PAR B . -0.16 -0.62 -1.94
H62 PAR B . 0.81 -3.25 -0.64
HO62 PAR B . -1.46 -3.53 -0.50
H13 PAR B . -1.08 -0.31 0.25
H23 PAR B . 1.13 -0.53 2.38
HO23 PAR B . -0.31 -2.25 1.89
H33 PAR B . -0.05 1.00 3.76
H43 PAR B . -0.82 2.79 1.76
H531 PAR B . 1.57 2.25 3.25
H532 PAR B . 1.22 3.74 2.34
HO53 PAR B . 2.37 3.01 0.71
H14 PAR B . -1.80 1.24 4.84
H24 PAR B . -2.28 -1.12 4.76
H241 PAR B . -4.71 -0.42 3.22
H242 PAR B . -3.43 -1.32 2.72
H34 PAR B . -4.43 -1.23 6.18
HO34 PAR B . -3.44 0.05 7.77
H44 PAR B . -5.24 1.07 6.99
HO44 PAR B . -6.77 1.08 5.49
H54 PAR B . -3.51 2.55 6.09
H641 PAR B . -5.88 3.49 6.12
H642 PAR B . -6.06 3.06 4.42
HN61 PAR B . -3.76 4.69 5.23
HN62 PAR B . -5.22 5.40 5.18
C11 PAR B . 3.22 0.74 -2.48
O11 PAR B . 2.47 -0.05 -3.45
C21 PAR B . 2.74 2.22 -2.44
N21 PAR B . 1.26 2.30 -2.30
C31 PAR B . 3.20 2.99 -3.72
O31 PAR B . 2.91 4.38 -3.59
C41 PAR B . 4.73 2.84 -3.95
O41 PAR B . 5.08 3.48 -5.17
C51 PAR B . 5.12 1.33 -4.00
O51 PAR B . 4.66 0.69 -2.78
C61 PAR B . 6.64 1.06 -4.09
O61 PAR B . 6.99 0.57 -5.37
C12 PAR B . 0.26 -3.74 -3.60
N12 PAR B . -0.15 -5.15 -3.49
C22 PAR B . 1.58 -3.65 -4.40
C32 PAR B . 2.09 -2.19 -4.55
N32 PAR B . 3.37 -2.23 -5.29
C42 PAR B . 2.23 -1.47 -3.18
C52 PAR B . 0.95 -1.62 -2.28
O52 PAR B . 1.29 -1.17 -0.94
C62 PAR B . 0.44 -3.08 -2.19
O62 PAR B . -0.82 -3.09 -1.52
C13 PAR B . 0.23 -0.60 -0.11
C23 PAR B . 0.46 -1.02 1.34
O23 PAR B . -0.26 -2.24 1.59
C33 PAR B . -0.15 0.14 2.12
O33 PAR B . -1.58 -0.03 2.33
C43 PAR B . 0.12 1.36 1.19
O43 PAR B . 0.32 0.83 -0.13
C53 PAR B . 1.35 2.18 1.64
O53 PAR B . 2.54 1.70 1.03
C14 PAR B . -2.00 -0.32 3.68
C24 PAR B . -2.53 -1.79 3.79
N24 PAR B . -3.50 -2.13 2.73
C34 PAR B . -3.12 -2.04 5.21
O34 PAR B . -2.04 -2.13 6.14
C44 PAR B . -4.11 -0.94 5.69
O44 PAR B . -5.33 -1.09 4.98
C54 PAR B . -3.51 0.49 5.46
O54 PAR B . -3.05 0.61 4.08
C64 PAR B . -4.53 1.61 5.77
N64 PAR B . -4.52 2.68 4.74
H11 PAR B . 3.07 0.31 -1.46
H21 PAR B . 3.19 2.71 -1.56
HN21 PAR B . 0.84 1.38 -2.43
HN22 PAR B . 1.01 2.60 -1.35
H31 PAR B . 2.67 2.60 -4.60
HO31 PAR B . 3.43 4.69 -2.85
H41 PAR B . 5.28 3.33 -3.12
HO41 PAR B . 5.81 4.06 -4.96
H51 PAR B . 4.61 0.86 -4.86
H611 PAR B . 6.90 0.28 -3.34
H612 PAR B . 7.23 1.96 -3.84
HO61 PAR B . 7.25 -0.34 -5.25
H12 PAR B . -0.52 -3.20 -4.14
H121 PAR B . -0.91 -5.24 -2.80
H122 PAR B . -0.54 -5.48 -4.38
H221 PAR B . 1.39 -4.06 -5.42
H222 PAR B . 2.37 -4.30 -3.94
H32 PAR B . 1.36 -1.64 -5.17
H321 PAR B . 3.21 -2.04 -6.29
H322 PAR B . 3.99 -1.48 -4.96
H42 PAR B . 3.09 -1.90 -2.64
H52 PAR B . 0.15 -0.98 -2.72
H62 PAR B . 1.16 -3.68 -1.60
HO62 PAR B . -0.67 -3.56 -0.69
H13 PAR B . -0.76 -0.91 -0.45
H23 PAR B . 1.53 -1.18 1.59
HO23 PAR B . -0.26 -2.73 0.77
H33 PAR B . 0.41 0.26 3.06
H43 PAR B . -0.77 2.01 1.18
H531 PAR B . 1.47 2.07 2.74
H532 PAR B . 1.21 3.25 1.43
HO53 PAR B . 2.61 2.18 0.20
H14 PAR B . -1.13 -0.21 4.35
H24 PAR B . -1.65 -2.46 3.67
H241 PAR B . -4.31 -1.52 2.79
H242 PAR B . -3.09 -1.96 1.81
H34 PAR B . -3.63 -3.03 5.24
HO34 PAR B . -1.38 -2.70 5.74
H44 PAR B . -4.32 -1.08 6.77
HO44 PAR B . -5.13 -0.86 4.07
H54 PAR B . -2.65 0.62 6.15
H641 PAR B . -4.31 2.07 6.75
H642 PAR B . -5.56 1.20 5.84
HN61 PAR B . -4.67 2.29 3.82
HN62 PAR B . -3.59 3.12 4.70
C11 PAR B . 3.09 1.11 -1.10
O11 PAR B . 2.24 0.38 -2.03
C21 PAR B . 2.63 2.60 -0.95
N21 PAR B . 1.19 2.69 -0.65
C31 PAR B . 2.97 3.43 -2.23
O31 PAR B . 2.70 4.81 -2.01
C41 PAR B . 4.46 3.28 -2.63
O41 PAR B . 4.69 3.97 -3.86
C51 PAR B . 4.83 1.77 -2.78
O51 PAR B . 4.49 1.08 -1.55
C61 PAR B . 6.32 1.48 -3.05
O61 PAR B . 7.10 2.67 -3.04
C12 PAR B . 0.34 -3.45 -2.52
N12 PAR B . 0.06 -4.90 -2.50
C22 PAR B . 1.69 -3.22 -3.23
C32 PAR B . 2.11 -1.73 -3.28
N32 PAR B . 3.44 -1.62 -3.89
C42 PAR B . 2.08 -1.05 -1.86
C52 PAR B . 0.75 -1.34 -1.08
O52 PAR B . 0.92 -0.92 0.29
C62 PAR B . 0.35 -2.85 -1.09
O62 PAR B . -0.95 -2.99 -0.52
C13 PAR B . -0.24 -0.41 1.02
C23 PAR B . -0.07 -0.69 2.51
O23 PAR B . -0.65 -1.95 2.83
C33 PAR B . -0.86 0.47 3.13
O33 PAR B . -2.29 0.16 3.20
C43 PAR B . -0.61 1.62 2.13
O43 PAR B . -0.33 1.01 0.86
C53 PAR B . 0.56 2.53 2.56
O53 PAR B . 1.81 1.90 2.34
C14 PAR B . -3.00 0.68 4.35
C24 PAR B . -3.79 -0.45 5.08
N24 PAR B . -4.60 -1.27 4.15
C34 PAR B . -4.66 0.16 6.22
O34 PAR B . -3.81 0.56 7.29
C44 PAR B . -5.52 1.39 5.79
O44 PAR B . -6.59 0.92 4.96
C54 PAR B . -4.65 2.41 5.00
O54 PAR B . -3.93 1.73 3.93
C64 PAR B . -5.47 3.57 4.40
N64 PAR B . -4.66 4.76 4.09
H11 PAR B . 3.04 0.64 -0.10
H21 PAR B . 3.18 3.03 -0.10
HN21 PAR B . 0.78 3.52 -1.11
HN22 PAR B . 0.70 1.89 -1.06
H31 PAR B . 2.34 3.08 -3.07
HO31 PAR B . 2.78 5.23 -2.86
H41 PAR B . 5.10 3.73 -1.85
HO41 PAR B . 5.61 4.24 -3.84
H51 PAR B . 4.24 1.34 -3.61
H611 PAR B . 6.41 1.01 -4.05
H612 PAR B . 6.73 0.75 -2.32
HO61 PAR B . 7.26 2.88 -2.11
H12 PAR B . -0.45 -2.96 -3.11
H121 PAR B . 0.91 -5.42 -2.73
H122 PAR B . -0.18 -5.19 -1.54
H221 PAR B . 1.60 -3.58 -4.29
H222 PAR B . 2.50 -3.84 -2.76
H32 PAR B . 1.39 -1.19 -3.92
H321 PAR B . 3.69 -0.64 -4.05
H322 PAR B . 4.16 -1.99 -3.25
H42 PAR B . 2.93 -1.46 -1.26
H52 PAR B . -0.06 -0.75 -1.58
H62 PAR B . 1.08 -3.40 -0.46
HO62 PAR B . -1.50 -2.34 -0.97
H13 PAR B . -1.17 -0.88 0.64
H23 PAR B . 0.99 -0.68 2.82
HO23 PAR B . -0.11 -2.32 3.53
H33 PAR B . -0.42 0.71 4.12
H43 PAR B . -1.53 2.23 2.04
H531 PAR B . 0.48 2.75 3.65
H532 PAR B . 0.53 3.51 2.03
HO53 PAR B . 1.78 1.57 1.44
H14 PAR B . -2.26 1.11 5.06
H24 PAR B . -3.04 -1.12 5.56
H241 PAR B . -5.30 -1.81 4.68
H242 PAR B . -5.13 -0.66 3.52
H34 PAR B . -5.33 -0.63 6.63
HO34 PAR B . -3.30 1.29 6.95
H44 PAR B . -5.96 1.87 6.67
HO44 PAR B . -7.28 1.59 5.02
H54 PAR B . -3.92 2.86 5.71
H641 PAR B . -6.29 3.87 5.10
H642 PAR B . -5.98 3.24 3.48
HN61 PAR B . -4.09 5.02 4.91
HN62 PAR B . -5.27 5.56 3.91
C11 PAR B . 2.87 -0.23 -2.66
O11 PAR B . 1.59 -0.53 -3.29
C21 PAR B . 3.02 1.29 -2.35
N21 PAR B . 1.85 1.81 -1.61
C31 PAR B . 3.23 2.11 -3.66
O31 PAR B . 3.52 3.47 -3.35
C41 PAR B . 4.40 1.54 -4.50
O41 PAR B . 4.49 2.28 -5.73
C51 PAR B . 4.17 0.03 -4.79
O51 PAR B . 3.97 -0.66 -3.52
C61 PAR B . 5.35 -0.67 -5.51
O61 PAR B . 4.99 -2.01 -5.87
C12 PAR B . -1.31 -3.65 -3.89
N12 PAR B . -2.01 -4.94 -3.98
C22 PAR B . 0.02 -3.75 -4.68
C32 PAR B . 0.80 -2.40 -4.66
N32 PAR B . 2.06 -2.59 -5.41
C42 PAR B . 1.06 -1.89 -3.21
C52 PAR B . -0.24 -1.88 -2.33
O52 PAR B . 0.15 -1.68 -0.95
C62 PAR B . -1.05 -3.22 -2.42
O62 PAR B . -2.29 -3.04 -1.76
C13 PAR B . -0.57 -0.71 -0.15
C23 PAR B . -1.06 -1.37 1.13
O23 PAR B . -2.43 -1.73 0.98
C33 PAR B . -0.89 -0.27 2.18
O33 PAR B . -2.07 0.58 2.26
C43 PAR B . 0.31 0.52 1.65
O43 PAR B . 0.32 0.35 0.22
C53 PAR B . 1.65 0.02 2.24
O53 PAR B . 2.74 0.38 1.39
C14 PAR B . -3.04 0.25 3.29
C24 PAR B . -4.44 0.81 2.94
N24 PAR B . -4.42 2.24 2.55
C34 PAR B . -5.44 0.56 4.12
O34 PAR B . -5.75 -0.84 4.15
C44 PAR B . -4.89 0.97 5.51
O44 PAR B . -4.89 2.40 5.59
C54 PAR B . -3.44 0.43 5.72
O54 PAR B . -2.60 0.79 4.58
C64 PAR B . -2.78 0.97 7.02
N64 PAR B . -3.24 0.25 8.23
H11 PAR B . 2.96 -0.79 -1.72
H21 PAR B . 3.92 1.41 -1.71
HN21 PAR B . 1.01 1.27 -1.85
HN22 PAR B . 1.98 1.67 -0.60
H31 PAR B . 2.30 2.08 -4.27
HO31 PAR B . 3.56 3.93 -4.19
H41 PAR B . 5.35 1.66 -3.95
HO41 PAR B . 5.05 3.03 -5.54
H51 PAR B . 3.26 -0.09 -5.40
H611 PAR B . 6.21 -0.71 -4.81
H612 PAR B . 5.68 -0.11 -6.40
HO61 PAR B . 5.18 -2.55 -5.09
H12 PAR B . -1.94 -2.89 -4.39
H121 PAR B . -2.82 -4.94 -3.34
H122 PAR B . -2.39 -5.09 -4.91
H221 PAR B . -0.21 -4.00 -5.74
H222 PAR B . 0.66 -4.56 -4.29
H32 PAR B . 0.20 -1.65 -5.20
H321 PAR B . 2.86 -2.35 -4.82
H322 PAR B . 2.19 -3.58 -5.65
H42 PAR B . 1.80 -2.56 -2.72
H52 PAR B . -0.88 -1.05 -2.68
H62 PAR B . -0.48 -4.01 -1.91
HO62 PAR B . -2.41 -3.83 -1.22
H13 PAR B . -1.43 -0.28 -0.71
H23 PAR B . -0.48 -2.28 1.39
HO23 PAR B . -2.44 -2.62 0.60
H33 PAR B . -0.64 -0.75 3.16
H43 PAR B . 0.19 1.59 1.88
H531 PAR B . 1.63 -1.09 2.33
H532 PAR B . 1.82 0.43 3.26
HO53 PAR B . 2.66 1.32 1.24
H14 PAR B . -3.10 -0.86 3.35
H24 PAR B . -4.82 0.23 2.06
H241 PAR B . -5.38 2.60 2.45
H242 PAR B . -3.99 2.80 3.29
H34 PAR B . -6.39 1.08 3.93
HO34 PAR B . -4.93 -1.28 4.33
H44 PAR B . -5.56 0.59 6.30
HO44 PAR B . -4.89 2.62 6.52
H54 PAR B . -3.50 -0.68 5.81
H641 PAR B . -3.01 2.04 7.15
H642 PAR B . -1.68 0.89 6.95
HN61 PAR B . -2.47 0.16 8.90
HN62 PAR B . -3.52 -0.70 7.99
C11 PAR B . 2.44 1.21 -3.33
O11 PAR B . 1.63 0.27 -4.10
C21 PAR B . 1.81 2.64 -3.35
N21 PAR B . 0.38 2.61 -2.98
C31 PAR B . 1.99 3.32 -4.74
O31 PAR B . 1.57 4.67 -4.70
C41 PAR B . 3.47 3.27 -5.21
O41 PAR B . 3.56 3.82 -6.53
C51 PAR B . 4.02 1.82 -5.18
O51 PAR B . 3.81 1.25 -3.85
C61 PAR B . 5.52 1.68 -5.49
O61 PAR B . 6.29 2.60 -4.74
C12 PAR B . -0.55 -3.36 -3.48
N12 PAR B . -0.97 -4.75 -3.15
C22 PAR B . 0.65 -3.41 -4.44
C32 PAR B . 1.14 -1.99 -4.85
N32 PAR B . 2.32 -2.16 -5.73
C42 PAR B . 1.45 -1.09 -3.61
C52 PAR B . 0.31 -1.11 -2.53
O52 PAR B . 0.82 -0.52 -1.31
C62 PAR B . -0.19 -2.56 -2.21
O62 PAR B . -1.34 -2.46 -1.38
C13 PAR B . -0.12 0.06 -0.36
C23 PAR B . 0.31 -0.31 1.06
O23 PAR B . -0.35 -1.50 1.47
C33 PAR B . -0.18 0.91 1.85
O33 PAR B . -1.58 0.79 2.21
C43 PAR B . 0.04 2.06 0.86
O43 PAR B . -0.08 1.49 -0.45
C53 PAR B . 1.41 2.76 1.03
O53 PAR B . 2.40 2.10 0.27
C14 PAR B . -1.90 0.66 3.62
C24 PAR B . -2.01 -0.84 4.03
N24 PAR B . -2.86 -1.62 3.10
C34 PAR B . -2.51 -0.96 5.50
O34 PAR B . -1.45 -0.58 6.38
C44 PAR B . -3.76 -0.09 5.83
O44 PAR B . -4.90 -0.68 5.22
C54 PAR B . -3.56 1.37 5.31
O54 PAR B . -3.16 1.35 3.91
C64 PAR B . -4.85 2.23 5.46
N64 PAR B . -4.63 3.64 5.10
H11 PAR B . 2.49 0.88 -2.28
H21 PAR B . 2.35 3.25 -2.60
HN21 PAR B . -0.19 2.92 -3.77
HN22 PAR B . 0.09 1.66 -2.77
H31 PAR B . 1.38 2.77 -5.49
HO31 PAR B . 0.97 4.78 -5.44
H41 PAR B . 4.08 3.90 -4.53
HO41 PAR B . 3.03 3.25 -7.09
H51 PAR B . 3.44 1.20 -5.91
H611 PAR B . 5.68 1.88 -6.58
H612 PAR B . 5.88 0.65 -5.30
HO61 PAR B . 6.10 2.42 -3.81
H12 PAR B . -1.39 -2.88 -4.00
H121 PAR B . -0.68 -5.38 -3.90
H122 PAR B . -0.47 -5.07 -2.31
H221 PAR B . 0.34 -3.95 -5.37
H222 PAR B . 1.49 -4.00 -4.01
H32 PAR B . 0.33 -1.52 -5.44
H321 PAR B . 2.03 -2.17 -6.71
H322 PAR B . 2.94 -1.34 -5.64
H42 PAR B . 2.39 -1.45 -3.13
H52 PAR B . -0.53 -0.52 -2.93
H62 PAR B . 0.60 -3.08 -1.65
HO62 PAR B . -1.99 -1.95 -1.87
H13 PAR B . -1.15 -0.30 -0.55
H23 PAR B . 1.41 -0.44 1.16
HO23 PAR B . 0.06 -1.75 2.30
H33 PAR B . 0.47 1.05 2.75
H43 PAR B . -0.77 2.82 0.99
H531 PAR B . 1.70 2.72 2.10
H532 PAR B . 1.35 3.82 0.75
HO53 PAR B . 3.24 2.49 0.55
H14 PAR B . -1.08 1.12 4.20
H24 PAR B . -0.98 -1.27 3.99
H241 PAR B . -3.81 -1.22 3.08
H242 PAR B . -2.51 -1.55 2.15
H34 PAR B . -2.74 -2.02 5.74
HO34 PAR B . -1.30 0.36 6.22
H44 PAR B . -3.91 -0.07 6.93
HO44 PAR B . -5.65 -0.47 5.79
H54 PAR B . -2.76 1.85 5.92
H641 PAR B . -5.23 2.18 6.50
H642 PAR B . -5.65 1.82 4.82
HN61 PAR B . -3.95 3.72 4.34
HN62 PAR B . -4.20 4.14 5.90
C11 PAR B . 1.89 -0.09 -3.04
O11 PAR B . 0.74 -0.67 -3.71
C21 PAR B . 1.79 1.46 -2.93
N21 PAR B . 0.49 1.87 -2.35
C31 PAR B . 2.02 2.14 -4.32
O31 PAR B . 2.08 3.56 -4.17
C41 PAR B . 3.32 1.66 -5.00
O41 PAR B . 3.41 2.23 -6.29
C51 PAR B . 3.33 0.10 -5.09
O51 PAR B . 3.13 -0.45 -3.75
C61 PAR B . 4.65 -0.50 -5.62
O61 PAR B . 4.60 -0.67 -7.03
C12 PAR B . -1.96 -4.01 -3.20
N12 PAR B . -2.47 -5.36 -2.88
C22 PAR B . -0.79 -4.14 -4.20
C32 PAR B . -0.17 -2.77 -4.57
N32 PAR B . 0.93 -3.00 -5.53
C42 PAR B . 0.31 -1.99 -3.31
C52 PAR B . -0.83 -1.87 -2.24
O52 PAR B . -0.22 -1.37 -1.02
C62 PAR B . -1.53 -3.23 -1.92
O62 PAR B . -2.68 -2.97 -1.13
C13 PAR B . -1.08 -0.70 -0.03
C23 PAR B . -0.43 -0.82 1.35
O23 PAR B . -0.86 -2.02 1.98
C33 PAR B . -0.98 0.43 2.05
O33 PAR B . -2.29 0.16 2.65
C43 PAR B . -1.12 1.44 0.90
O43 PAR B . -1.17 0.69 -0.33
C53 PAR B . 0.05 2.44 0.86
O53 PAR B . 1.26 1.80 0.48
C14 PAR B . -2.32 -0.02 4.09
C24 PAR B . -2.66 -1.48 4.48
N24 PAR B . -3.85 -1.99 3.75
C34 PAR B . -2.82 -1.62 6.01
O34 PAR B . -1.52 -1.53 6.62
C44 PAR B . -3.74 -0.54 6.66
O44 PAR B . -5.10 -0.85 6.34
C54 PAR B . -3.38 0.89 6.14
O54 PAR B . -3.31 0.90 4.68
C64 PAR B . -4.40 1.97 6.59
N64 PAR B . -4.38 2.19 8.05
H11 PAR B . 1.97 -0.50 -2.01
H21 PAR B . 2.59 1.81 -2.24
HN21 PAR B . 0.19 2.76 -2.76
HN22 PAR B . -0.23 1.19 -2.60
H31 PAR B . 1.16 1.90 -4.98
HO31 PAR B . 1.38 3.79 -3.55
H41 PAR B . 4.19 1.99 -4.39
HO41 PAR B . 4.22 1.88 -6.69
H51 PAR B . 2.50 -0.23 -5.74
H611 PAR B . 4.79 -1.50 -5.15
H612 PAR B . 5.53 0.10 -5.34
HO61 PAR B . 4.40 0.20 -7.39
H12 PAR B . -2.77 -3.45 -3.70
H121 PAR B . -2.71 -5.86 -3.74
H122 PAR B . -1.73 -5.91 -2.42
H221 PAR B . -1.17 -4.62 -5.13
H222 PAR B . -0.01 -4.83 -3.79
H32 PAR B . -0.95 -2.18 -5.08
H321 PAR B . 0.56 -3.23 -6.45
H322 PAR B . 1.47 -2.14 -5.65
H42 PAR B . 1.15 -2.56 -2.85
H52 PAR B . -1.58 -1.15 -2.63
H62 PAR B . -0.84 -3.86 -1.34
HO62 PAR B . -3.33 -2.56 -1.72
H13 PAR B . -2.08 -1.15 -0.02
H23 PAR B . 0.68 -0.81 1.30
HO23 PAR B . -1.07 -2.64 1.28
H33 PAR B . -0.24 0.78 2.80
H43 PAR B . -2.07 2.00 1.01
H531 PAR B . 0.20 2.88 1.88
H532 PAR B . -0.16 3.29 0.17
HO53 PAR B . 1.60 2.31 -0.26
H14 PAR B . -1.31 0.22 4.49
H24 PAR B . -1.80 -2.11 4.17
H241 PAR B . -3.61 -2.82 3.21
H242 PAR B . -4.56 -2.31 4.43
H34 PAR B . -3.21 -2.63 6.27
HO34 PAR B . -1.66 -1.70 7.55
H44 PAR B . -3.64 -0.57 7.76
HO44 PAR B . -5.63 -0.35 6.96
H54 PAR B . -2.38 1.17 6.56
H641 PAR B . -5.41 1.68 6.29
H642 PAR B . -4.18 2.93 6.09
HN61 PAR B . -5.34 2.32 8.40
HN62 PAR B . -3.88 3.05 8.28
C11 PAR B . 2.26 1.40 -1.22
O11 PAR B . 1.94 0.50 -2.33
C21 PAR B . 1.29 2.61 -1.16
N21 PAR B . -0.13 2.17 -1.22
C31 PAR B . 1.58 3.62 -2.31
O31 PAR B . 0.78 4.79 -2.16
C41 PAR B . 3.07 4.04 -2.34
O41 PAR B . 3.29 4.90 -3.45
C51 PAR B . 3.98 2.78 -2.42
O51 PAR B . 3.65 1.87 -1.33
C61 PAR B . 5.49 3.08 -2.30
O61 PAR B . 6.06 3.36 -3.57
C12 PAR B . 0.12 -3.38 -2.57
N12 PAR B . -0.17 -4.83 -2.54
C22 PAR B . 1.39 -3.14 -3.40
C32 PAR B . 1.77 -1.64 -3.50
N32 PAR B . 3.05 -1.54 -4.23
C42 PAR B . 1.86 -0.94 -2.09
C52 PAR B . 0.62 -1.27 -1.18
O52 PAR B . 0.93 -0.86 0.19
C62 PAR B . 0.26 -2.79 -1.15
O62 PAR B . -0.97 -2.96 -0.45
C13 PAR B . -0.16 -0.55 1.09
C23 PAR B . 0.23 -0.93 2.51
O23 PAR B . -0.27 -2.24 2.81
C33 PAR B . -0.47 0.14 3.34
O33 PAR B . -1.87 -0.19 3.57
C43 PAR B . -0.34 1.37 2.44
O43 PAR B . -0.39 0.87 1.09
C53 PAR B . 0.97 2.15 2.66
O53 PAR B . 0.87 3.46 2.14
C14 PAR B . -2.47 0.31 4.78
C24 PAR B . -3.09 -0.84 5.62
N24 PAR B . -3.96 -1.74 4.80
C34 PAR B . -3.87 -0.28 6.85
O34 PAR B . -2.92 0.19 7.80
C44 PAR B . -4.84 0.90 6.50
O44 PAR B . -5.98 0.36 5.83
C54 PAR B . -4.13 1.95 5.61
O54 PAR B . -3.50 1.30 4.46
C64 PAR B . -5.11 3.05 5.09
N64 PAR B . -4.39 4.27 4.67
H11 PAR B . 2.18 0.86 -0.26
H21 PAR B . 1.43 3.12 -0.20
HN21 PAR B . -0.68 2.83 -1.77
HN22 PAR B . -0.19 1.27 -1.71
H31 PAR B . 1.32 3.15 -3.29
HO31 PAR B . -0.13 4.48 -2.07
H41 PAR B . 3.29 4.60 -1.41
HO41 PAR B . 2.82 5.71 -3.26
H51 PAR B . 3.79 2.26 -3.38
H611 PAR B . 5.99 2.19 -1.88
H612 PAR B . 5.68 3.91 -1.59
HO61 PAR B . 6.98 3.57 -3.39
H12 PAR B . -0.73 -2.88 -3.09
H121 PAR B . -1.12 -4.99 -2.19
H122 PAR B . -0.15 -5.22 -3.48
H221 PAR B . 1.21 -3.52 -4.44
H222 PAR B . 2.23 -3.75 -2.99
H32 PAR B . 1.00 -1.13 -4.09
H321 PAR B . 3.63 -0.81 -3.82
H322 PAR B . 3.58 -2.41 -4.13
H42 PAR B . 2.78 -1.31 -1.57
H52 PAR B . -0.24 -0.70 -1.57
H62 PAR B . 1.05 -3.33 -0.61
HO62 PAR B . -1.31 -3.83 -0.71
H13 PAR B . -1.09 -1.06 0.80
H23 PAR B . 1.33 -0.92 2.67
HO23 PAR B . 0.28 -2.57 3.53
H33 PAR B . 0.09 0.29 4.28
H43 PAR B . -1.20 2.05 2.59
H531 PAR B . 1.81 1.64 2.14
H532 PAR B . 1.23 2.19 3.74
HO53 PAR B . 0.93 4.05 2.89
H14 PAR B . -1.68 0.79 5.40
H24 PAR B . -2.26 -1.46 6.01
H241 PAR B . -4.74 -1.21 4.41
H242 PAR B . -3.43 -2.10 4.01
H34 PAR B . -4.44 -1.09 7.34
HO34 PAR B . -2.46 0.92 7.38
H44 PAR B . -5.19 1.38 7.44
HO44 PAR B . -5.68 0.13 4.94
H54 PAR B . -3.35 2.45 6.21
H641 PAR B . -5.83 3.32 5.88
H642 PAR B . -5.70 2.67 4.24
HN61 PAR B . -3.55 4.41 5.23
HN62 PAR B . -4.98 5.10 4.84
C11 PAR B . 3.22 1.01 -0.79
O11 PAR B . 2.28 0.37 -1.71
C21 PAR B . 2.92 2.53 -0.61
N21 PAR B . 1.50 2.77 -0.33
C31 PAR B . 3.35 3.32 -1.89
O31 PAR B . 3.26 4.73 -1.66
C41 PAR B . 4.81 3.00 -2.31
O41 PAR B . 5.11 3.69 -3.53
C51 PAR B . 5.00 1.47 -2.48
O51 PAR B . 4.60 0.80 -1.24
C61 PAR B . 6.44 1.02 -2.77
O61 PAR B . 6.84 1.37 -4.08
C12 PAR B . 0.34 -3.42 -2.38
N12 PAR B . 0.06 -4.87 -2.43
C22 PAR B . 1.68 -3.15 -3.11
C32 PAR B . 2.09 -1.65 -3.07
N32 PAR B . 3.40 -1.51 -3.73
C42 PAR B . 2.10 -1.07 -1.62
C52 PAR B . 0.78 -1.38 -0.85
O52 PAR B . 0.97 -1.03 0.54
C62 PAR B . 0.37 -2.88 -0.93
O62 PAR B . -0.92 -3.04 -0.34
C13 PAR B . -0.17 -0.49 1.27
C23 PAR B . 0.04 -0.73 2.78
O23 PAR B . -0.51 -1.98 3.15
C33 PAR B . -0.74 0.43 3.38
O33 PAR B . -2.16 0.12 3.49
C43 PAR B . -0.52 1.57 2.36
O43 PAR B . -0.25 0.92 1.10
C53 PAR B . 0.65 2.50 2.74
O53 PAR B . 0.40 3.82 2.29
C14 PAR B . -2.78 0.38 4.77
C24 PAR B . -3.38 -0.92 5.39
N24 PAR B . -4.20 -1.68 4.43
C34 PAR B . -4.17 -0.59 6.69
O34 PAR B . -3.25 -0.25 7.72
C44 PAR B . -5.18 0.60 6.54
O44 PAR B . -6.29 0.14 5.77
C54 PAR B . -4.50 1.81 5.84
O54 PAR B . -3.85 1.38 4.61
C64 PAR B . -5.50 2.96 5.51
N64 PAR B . -4.84 4.12 4.90
H11 PAR B . 3.12 0.53 0.21
H21 PAR B . 3.51 2.89 0.24
HN21 PAR B . 1.31 3.78 -0.30
HN22 PAR B . 0.91 2.39 -1.08
H31 PAR B . 2.69 3.06 -2.73
HO31 PAR B . 2.55 4.84 -1.01
H41 PAR B . 5.51 3.37 -1.52
HO41 PAR B . 4.48 3.36 -4.17
H51 PAR B . 4.34 1.12 -3.30
H611 PAR B . 6.49 -0.09 -2.68
H612 PAR B . 7.16 1.42 -2.03
HO61 PAR B . 7.72 0.98 -4.21
H12 PAR B . -0.46 -2.90 -2.94
H121 PAR B . 0.76 -5.35 -3.01
H122 PAR B . 0.16 -5.27 -1.49
H221 PAR B . 1.58 -3.45 -4.17
H222 PAR B . 2.49 -3.78 -2.67
H32 PAR B . 1.35 -1.09 -3.67
H321 PAR B . 3.50 -0.56 -4.12
H322 PAR B . 4.16 -1.61 -3.04
H42 PAR B . 2.95 -1.54 -1.07
H52 PAR B . -0.03 -0.77 -1.30
H62 PAR B . 1.10 -3.48 -0.34
HO62 PAR B . -1.48 -2.39 -0.77
H13 PAR B . -1.11 -0.97 0.95
H23 PAR B . 1.11 -0.70 3.06
HO23 PAR B . 0.09 -2.37 3.78
H33 PAR B . -0.28 0.71 4.35
H43 PAR B . -1.44 2.16 2.25
H531 PAR B . 1.58 2.13 2.24
H532 PAR B . 0.83 2.48 3.82
HO53 PAR B . 0.51 4.38 3.06
H14 PAR B . -2.02 0.78 5.46
H24 PAR B . -2.52 -1.56 5.68
H241 PAR B . -5.00 -1.11 4.12
H242 PAR B . -3.65 -1.89 3.59
H34 PAR B . -4.72 -1.49 7.04
HO34 PAR B . -2.84 0.57 7.45
H44 PAR B . -5.55 0.89 7.54
HO44 PAR B . -7.07 0.49 6.20
H54 PAR B . -3.73 2.22 6.53
H641 PAR B . -6.02 3.27 6.42
H642 PAR B . -6.28 2.59 4.81
HN61 PAR B . -4.39 3.86 4.01
HN62 PAR B . -4.06 4.44 5.51
C11 PAR B . 2.20 -0.01 -3.14
O11 PAR B . 1.13 -0.69 -3.85
C21 PAR B . 2.03 1.54 -3.14
N21 PAR B . 0.66 1.93 -2.74
C31 PAR B . 2.36 2.13 -4.55
O31 PAR B . 2.37 3.56 -4.50
C41 PAR B . 3.75 1.65 -5.05
O41 PAR B . 3.97 2.16 -6.37
C51 PAR B . 3.81 0.11 -5.05
O51 PAR B . 3.50 -0.38 -3.71
C61 PAR B . 5.19 -0.50 -5.42
O61 PAR B . 5.08 -1.87 -5.73
C12 PAR B . -1.12 -4.36 -3.70
N12 PAR B . -1.49 -5.79 -3.52
C22 PAR B . 0.08 -4.28 -4.67
C32 PAR B . 0.54 -2.81 -4.90
N32 PAR B . 1.68 -2.82 -5.83
C42 PAR B . 0.87 -2.09 -3.56
C52 PAR B . -0.29 -2.22 -2.52
O52 PAR B . 0.20 -1.74 -1.23
C62 PAR B . -0.78 -3.69 -2.34
O62 PAR B . -1.94 -3.70 -1.52
C13 PAR B . -0.73 -1.04 -0.36
C23 PAR B . -0.37 -1.33 1.09
O23 PAR B . -1.08 -2.50 1.53
C33 PAR B . -0.90 -0.08 1.79
O33 PAR B . -2.32 -0.16 2.05
C43 PAR B . -0.60 1.02 0.76
O43 PAR B . -0.58 0.37 -0.54
C53 PAR B . 0.74 1.74 1.02
O53 PAR B . 1.78 1.23 0.18
C14 PAR B . -2.74 -0.09 3.43
C24 PAR B . -2.87 -1.51 4.06
N24 PAR B . -3.61 -2.46 3.20
C34 PAR B . -3.51 -1.42 5.49
O34 PAR B . -2.53 -0.89 6.38
C44 PAR B . -4.78 -0.53 5.57
O44 PAR B . -5.86 -1.22 4.95
C54 PAR B . -4.54 0.84 4.86
O54 PAR B . -4.02 0.61 3.52
C64 PAR B . -5.82 1.70 4.79
N64 PAR B . -5.68 2.85 3.86
H11 PAR B . 2.20 -0.34 -2.08
H21 PAR B . 2.73 1.96 -2.40
HN21 PAR B . 0.61 2.05 -1.72
HN22 PAR B . 0.42 2.85 -3.14
H31 PAR B . 1.60 1.82 -5.28
HO31 PAR B . 3.03 3.79 -3.83
H41 PAR B . 4.54 2.05 -4.38
HO41 PAR B . 3.58 1.52 -6.97
H51 PAR B . 3.05 -0.29 -5.75
H611 PAR B . 5.87 -0.38 -4.55
H612 PAR B . 5.65 0.05 -6.26
HO61 PAR B . 4.95 -2.32 -4.88
H12 PAR B . -1.98 -3.85 -4.16
H121 PAR B . -0.69 -6.39 -3.73
H122 PAR B . -1.72 -5.97 -2.54
H221 PAR B . -0.23 -4.70 -5.66
H222 PAR B . 0.93 -4.90 -4.31
H32 PAR B . -0.30 -2.27 -5.39
H321 PAR B . 1.93 -1.86 -6.10
H322 PAR B . 2.51 -3.20 -5.37
H42 PAR B . 1.78 -2.57 -3.13
H52 PAR B . -1.13 -1.60 -2.88
H62 PAR B . 0.02 -4.27 -1.83
HO62 PAR B . -2.55 -3.09 -1.93
H13 PAR B . -1.78 -1.33 -0.57
H23 PAR B . 0.70 -1.48 1.24
HO23 PAR B . -0.90 -2.59 2.47
H33 PAR B . -0.30 0.09 2.71
H43 PAR B . -1.41 1.77 0.77
H531 PAR B . 1.05 1.58 2.08
H532 PAR B . 0.65 2.83 0.86
HO53 PAR B . 1.78 0.27 0.34
H14 PAR B . -1.98 0.48 4.00
H24 PAR B . -1.84 -1.91 4.18
H241 PAR B . -3.94 -1.98 2.35
H242 PAR B . -2.99 -3.20 2.88
H34 PAR B . -3.74 -2.44 5.86
HO34 PAR B . -2.26 -0.05 6.02
H44 PAR B . -5.05 -0.37 6.64
HO44 PAR B . -6.67 -0.85 5.32
H54 PAR B . -3.79 1.40 5.45
H641 PAR B . -6.08 2.09 5.78
H642 PAR B . -6.68 1.09 4.47
HN61 PAR B . -6.56 3.02 3.36
HN62 PAR B . -4.98 2.64 3.14
C11 PAR B . 3.13 0.32 -2.82
O11 PAR B . 1.96 -0.22 -3.50
C21 PAR B . 3.14 1.87 -2.82
N21 PAR B . 1.85 2.42 -2.32
C31 PAR B . 3.45 2.43 -4.24
O31 PAR B . 3.62 3.85 -4.18
C41 PAR B . 4.74 1.81 -4.83
O41 PAR B . 4.93 2.29 -6.16
C51 PAR B . 4.64 0.26 -4.82
O51 PAR B . 4.35 -0.19 -3.46
C61 PAR B . 5.93 -0.47 -5.27
O61 PAR B . 5.87 -0.82 -6.64
C12 PAR B . -1.00 -3.32 -2.98
N12 PAR B . -1.67 -4.60 -2.64
C22 PAR B . 0.20 -3.61 -3.90
C32 PAR B . 0.96 -2.31 -4.29
N32 PAR B . 2.11 -2.69 -5.15
C42 PAR B . 1.42 -1.50 -3.04
C52 PAR B . 0.23 -1.24 -2.05
O52 PAR B . 0.79 -0.71 -0.82
C62 PAR B . -0.57 -2.54 -1.71
O62 PAR B . -1.72 -2.18 -0.96
C13 PAR B . -0.05 0.13 0.02
C23 PAR B . 0.24 -0.17 1.49
O23 PAR B . -0.65 -1.20 1.95
C33 PAR B . -0.08 1.17 2.15
O33 PAR B . -1.50 1.31 2.43
C43 PAR B . 0.38 2.19 1.09
O43 PAR B . 0.29 1.51 -0.18
C53 PAR B . 1.81 2.70 1.31
O53 PAR B . 2.77 1.78 0.81
C14 PAR B . -1.88 1.61 3.79
C24 PAR B . -2.05 0.31 4.64
N24 PAR B . -2.87 -0.72 3.95
C34 PAR B . -2.62 0.63 6.05
O34 PAR B . -1.60 1.26 6.83
C44 PAR B . -3.86 1.59 6.03
O44 PAR B . -4.99 0.85 5.56
C54 PAR B . -3.60 2.82 5.11
O54 PAR B . -3.14 2.37 3.80
C64 PAR B . -4.85 3.71 4.92
N64 PAR B . -4.75 4.99 5.65
H11 PAR B . 3.14 -0.03 -1.77
H21 PAR B . 3.92 2.21 -2.12
HN21 PAR B . 1.13 1.67 -2.32
HN22 PAR B . 1.94 2.72 -1.35
H31 PAR B . 2.61 2.21 -4.92
HO31 PAR B . 4.33 4.01 -3.55
H41 PAR B . 5.61 2.12 -4.22
HO41 PAR B . 5.24 3.19 -6.07
H51 PAR B . 3.81 -0.05 -5.48
H611 PAR B . 6.01 -1.41 -4.66
H612 PAR B . 6.84 0.12 -5.05
HO61 PAR B . 5.85 0.01 -7.12
H12 PAR B . -1.73 -2.70 -3.55
H121 PAR B . -1.81 -5.16 -3.49
H122 PAR B . -1.06 -5.16 -2.04
H221 PAR B . -0.18 -4.09 -4.83
H222 PAR B . 0.89 -4.33 -3.43
H32 PAR B . 0.28 -1.68 -4.90
H321 PAR B . 2.69 -1.87 -5.33
H322 PAR B . 2.71 -3.35 -4.65
H42 PAR B . 2.20 -2.08 -2.52
H52 PAR B . -0.45 -0.50 -2.52
H62 PAR B . 0.07 -3.19 -1.08
HO62 PAR B . -1.59 -2.55 -0.08
H13 PAR B . -1.12 -0.02 -0.20
H23 PAR B . 1.28 -0.49 1.66
HO23 PAR B . -0.64 -1.15 2.91
H33 PAR B . 0.55 1.27 3.06
H43 PAR B . -0.31 3.05 1.07
H531 PAR B . 1.99 2.81 2.40
H532 PAR B . 1.96 3.70 0.86
HO53 PAR B . 2.88 1.11 1.49
H14 PAR B . -1.08 2.22 4.25
H24 PAR B . -1.04 -0.12 4.78
H241 PAR B . -3.32 -0.31 3.12
H242 PAR B . 3.67 -24.32 9.59
H34 PAR B . -2.89 -0.30 6.58
HO34 PAR B . -1.99 1.43 7.68
H44 PAR B . -4.09 1.93 7.06
HO44 PAR B . -5.12 0.14 6.18
H54 PAR B . -2.81 3.45 5.58
H641 PAR B . -5.76 3.17 5.28
H642 PAR B . -5.02 3.91 3.85
HN61 PAR B . -5.45 5.03 6.40
HN62 PAR B . -4.98 5.77 5.01
C11 PAR B . 1.56 0.83 -1.58
O11 PAR B . 0.51 0.11 -2.28
C21 PAR B . 1.28 2.37 -1.52
N21 PAR B . -0.10 2.63 -1.04
C31 PAR B . 1.50 3.04 -2.91
O31 PAR B . 1.42 4.46 -2.79
C41 PAR B . 2.88 2.67 -3.51
O41 PAR B . 3.00 3.24 -4.81
C51 PAR B . 3.05 1.13 -3.57
O51 PAR B . 2.85 0.59 -2.23
C61 PAR B . 4.43 0.64 -4.04
O61 PAR B . 4.30 -0.41 -4.99
C12 PAR B . -1.10 -3.90 -2.58
N12 PAR B . -1.20 -5.36 -2.56
C22 PAR B . 0.04 -3.49 -3.54
C32 PAR B . 0.26 -1.94 -3.59
N32 PAR B . 1.41 -1.68 -4.48
C42 PAR B . 0.49 -1.34 -2.17
C52 PAR B . -0.64 -1.77 -1.18
O52 PAR B . -0.27 -1.35 0.16
C62 PAR B . -0.86 -3.31 -1.16
O62 PAR B . -2.00 -3.61 -0.34
C13 PAR B . -1.32 -0.89 1.06
C23 PAR B . -0.88 -1.13 2.50
O23 PAR B . -1.29 -2.43 2.93
C33 PAR B . -1.65 -0.03 3.24
O33 PAR B . -3.01 -0.45 3.55
C43 PAR B . -1.67 1.12 2.21
O43 PAR B . -1.53 0.51 0.91
C53 PAR B . -0.54 2.14 2.45
O53 PAR B . 0.63 1.80 1.72
C14 PAR B . -3.51 -0.11 4.87
C24 PAR B . -3.84 -1.38 5.70
N24 PAR B . -4.67 -2.35 4.94
C34 PAR B . -4.51 -1.00 7.06
O34 PAR B . -3.50 -0.44 7.90
C44 PAR B . -5.66 0.04 6.93
O44 PAR B . -6.81 -0.63 6.37
C54 PAR B . -5.25 1.24 6.01
O54 PAR B . -4.71 0.73 4.75
C64 PAR B . -6.42 2.19 5.70
N64 PAR B . -7.00 1.99 4.36
H11 PAR B . 1.63 0.46 -0.54
H21 PAR B . 1.98 2.81 -0.79
HN21 PAR B . -0.44 1.84 -0.49
HN22 PAR B . -0.10 3.43 -0.40
H31 PAR B . 0.71 2.70 -3.61
HO31 PAR B . 1.93 4.69 -2.01
H41 PAR B . 3.68 3.10 -2.86
HO41 PAR B . 3.92 3.45 -4.93
H51 PAR B . 2.27 0.70 -4.23
H611 PAR B . 4.99 0.26 -3.17
H612 PAR B . 5.03 1.47 -4.47
HO61 PAR B . 4.83 -1.13 -4.65
H12 PAR B . -2.05 -3.49 -2.98
H121 PAR B . -0.99 -5.71 -1.61
H122 PAR B . -2.17 -5.65 -2.75
H221 PAR B . -0.24 -3.83 -4.57
H222 PAR B . 0.98 -4.01 -3.28
H32 PAR B . -0.63 -1.48 -4.04
H321 PAR B . 2.28 -1.66 -3.94
H322 PAR B . 1.52 -2.43 -5.16
H42 PAR B . 1.45 -1.72 -1.77
H52 PAR B . -1.59 -1.27 -1.50
H62 PAR B . 0.02 -3.80 -0.70
HO62 PAR B . -2.75 -3.16 -0.76
H13 PAR B . -2.26 -1.43 0.86
H23 PAR B . 0.22 -1.03 2.64
HO23 PAR B . -0.58 -2.77 3.47
H33 PAR B . -1.08 0.27 4.14
H43 PAR B . -2.64 1.64 2.25
H531 PAR B . -0.27 2.16 3.53
H532 PAR B . -0.85 3.17 2.18
HO53 PAR B . 1.25 2.51 1.85
H14 PAR B . -2.72 0.46 5.40
H24 PAR B . -2.87 -1.89 5.93
H241 PAR B . -4.40 -2.36 3.95
H242 PAR B . -4.50 -3.30 5.28
H34 PAR B . -4.88 -1.90 7.57
HO34 PAR B . -3.21 0.36 7.48
H44 PAR B . -5.94 0.42 7.93
HO44 PAR B . -7.23 -1.06 7.11
H54 PAR B . -4.46 1.81 6.54
H641 PAR B . -6.09 3.25 5.79
H642 PAR B . -7.23 2.08 6.46
HN61 PAR B . -7.06 0.99 4.16
HN62 PAR B . -6.38 2.38 3.65
C11 PAR B . 3.50 0.64 -3.19
O11 PAR B . 2.65 -0.18 -4.04
C21 PAR B . 3.24 2.16 -3.42
N21 PAR B . 1.80 2.47 -3.33
C31 PAR B . 3.82 2.63 -4.80
O31 PAR B . 3.71 4.05 -4.91
C41 PAR B . 5.30 2.22 -4.97
O41 PAR B . 5.74 2.59 -6.27
C51 PAR B . 5.47 0.70 -4.74
O51 PAR B . 4.92 0.33 -3.44
C61 PAR B . 6.93 0.20 -4.75
O61 PAR B . 7.31 -0.29 -6.02
C12 PAR B . -0.21 -3.37 -3.56
N12 PAR B . -0.88 -4.64 -3.18
C22 PAR B . 1.12 -3.69 -4.27
C32 PAR B . 1.86 -2.41 -4.70
N32 PAR B . 3.13 -2.82 -5.36
C42 PAR B . 2.12 -1.44 -3.50
C52 PAR B . 0.81 -1.15 -2.69
O52 PAR B . 1.19 -0.49 -1.45
C62 PAR B . 0.03 -2.46 -2.33
O62 PAR B . -1.24 -2.09 -1.77
C13 PAR B . 0.19 0.31 -0.75
C23 PAR B . 0.34 0.08 0.76
O23 PAR B . -0.48 -1.02 1.16
C33 PAR B . -0.21 1.40 1.30
O33 PAR B . -1.66 1.40 1.35
C43 PAR B . 0.30 2.42 0.27
O43 PAR B . 0.43 1.71 -0.97
C53 PAR B . 1.66 3.05 0.67
O53 PAR B . 2.27 3.66 -0.44
C14 PAR B . -2.30 2.36 2.22
C24 PAR B . -3.68 1.84 2.74
N24 PAR B . -4.53 1.32 1.64
C34 PAR B . -4.40 2.95 3.56
O34 PAR B . -3.73 3.08 4.81
C44 PAR B . -4.43 4.34 2.87
O44 PAR B . -5.38 4.30 1.80
C54 PAR B . -3.02 4.72 2.31
O54 PAR B . -2.49 3.62 1.51
C64 PAR B . -3.05 6.02 1.44
N64 PAR B . -3.43 5.75 0.04
H11 PAR B . 3.30 0.41 -2.13
H21 PAR B . 3.76 2.72 -2.62
HN21 PAR B . 1.43 2.75 -4.25
HN22 PAR B . 1.27 1.64 -3.07
H31 PAR B . 3.23 2.16 -5.61
HO31 PAR B . 4.01 4.26 -5.80
H41 PAR B . 5.90 2.77 -4.21
HO41 PAR B . 5.42 1.91 -6.86
H51 PAR B . 4.91 0.15 -5.52
H611 PAR B . 7.03 -0.63 -4.01
H612 PAR B . 7.63 0.99 -4.42
HO61 PAR B . 7.65 -1.17 -5.88
H12 PAR B . -0.87 -2.84 -4.27
H121 PAR B . -1.28 -4.55 -2.24
H122 PAR B . -1.68 -4.82 -3.80
H221 PAR B . 0.89 -4.30 -5.17
H222 PAR B . 1.76 -4.32 -3.62
H32 PAR B . 1.25 -1.89 -5.45
H321 PAR B . 3.86 -2.99 -4.65
H322 PAR B . 3.00 -3.71 -5.85
H42 PAR B . 2.87 -1.91 -2.83
H52 PAR B . 0.17 -0.50 -3.30
H62 PAR B . 0.60 -3.01 -1.56
HO62 PAR B . -1.15 -2.22 -0.82
H13 PAR B . -0.83 0.05 -1.08
H23 PAR B . 1.38 -0.10 1.07
HO23 PAR B . -0.34 -1.13 2.09
H33 PAR B . 0.24 1.60 2.29
H43 PAR B . -0.45 3.23 0.14
H531 PAR B . 2.33 2.25 1.04
H532 PAR B . 1.53 3.78 1.49
HO53 PAR B . 1.56 3.95 -1.01
H14 PAR B . -1.64 2.52 3.09
H24 PAR B . -3.47 0.99 3.43
H241 PAR B . -5.39 0.90 2.04
H242 PAR B . -4.85 2.10 1.06
H34 PAR B . -5.43 2.63 3.79
HO34 PAR B . -4.07 3.90 5.21
H44 PAR B . -4.76 5.10 3.59
HO44 PAR B . -4.98 3.75 1.11
H54 PAR B . -2.35 4.91 3.17
H641 PAR B . -2.06 6.50 1.45
H642 PAR B . -3.75 6.75 1.88
HN61 PAR B . -4.06 4.94 -0.01
HN62 PAR B . -2.59 5.48 -0.51
#